data_7QAN
#
_entry.id   7QAN
#
_cell.length_a   50.770
_cell.length_b   91.830
_cell.length_c   82.550
_cell.angle_alpha   90.000
_cell.angle_beta   92.360
_cell.angle_gamma   90.000
#
_symmetry.space_group_name_H-M   'P 1 21 1'
#
loop_
_entity.id
_entity.type
_entity.pdbx_description
1 polymer 'Cytochrome P450'
2 non-polymer 'PROTOPORPHYRIN IX CONTAINING FE'
3 non-polymer 'TRIETHYLENE GLYCOL'
4 non-polymer GLYCEROL
5 non-polymer DI(HYDROXYETHYL)ETHER
6 non-polymer 'HEXAETHYLENE GLYCOL'
7 non-polymer 3,6,9,12,15,18-HEXAOXAICOSANE-1,20-DIOL
8 non-polymer 'CHLORIDE ION'
9 non-polymer 'MAGNESIUM ION'
10 water water
#
_entity_poly.entity_id   1
_entity_poly.type   'polypeptide(L)'
_entity_poly.pdbx_seq_one_letter_code
;MAHHHHHHSSGLEVLFQGPMIEIPSAATASPQYPQRRACPYRPAGGYERPVTRVRLYDGRPAWLVTGHETARQVLLDAAT
FSSDRQHPAFPALAARFEAARAVRNFIGMDPPEHTAQRRMLISGFTAKRVATLRPAITEIVDSLLDEVVRRGPGVDLVAT
FTLPVPSVVICRLLGVPYADHEFFEHQSRRIAAGTSTAAESADAFGQLKRYLLGLIETKGRGGEDMLDVLVDEQVATGTV
TTPDLVDLALLLLVAGHETTASTLALGVALLLEQDGGAVAADPTRVGAVVEEILRHTAVADGVARFATRDTEVAGVRIAA
GDAVVVALSAANRDPGPFPDPDRFDPRRGGRQHVTFGHGPHQCIGANLARAELEIALSRLFTRLPTLALAVPVEELGGKE
AGGVQGVQRLPVTW
;
_entity_poly.pdbx_strand_id   AAA,BBB
#
# COMPACT_ATOMS: atom_id res chain seq x y z
N SER A 30 -2.43 -22.48 30.55
CA SER A 30 -2.07 -21.62 29.39
C SER A 30 -1.09 -20.53 29.83
N PRO A 31 0.05 -20.36 29.12
CA PRO A 31 1.03 -19.32 29.48
C PRO A 31 0.46 -17.92 29.22
N GLN A 32 0.96 -16.95 29.98
CA GLN A 32 0.62 -15.52 29.86
C GLN A 32 1.37 -14.95 28.65
N TYR A 33 0.71 -14.03 27.92
CA TYR A 33 1.30 -13.26 26.81
C TYR A 33 0.74 -11.84 26.83
N PRO A 34 1.60 -10.80 26.78
CA PRO A 34 3.05 -10.97 26.74
C PRO A 34 3.68 -11.03 28.14
N GLN A 35 4.86 -11.62 28.23
CA GLN A 35 5.69 -11.60 29.46
C GLN A 35 6.77 -10.53 29.35
N ARG A 36 7.30 -10.10 30.50
CA ARG A 36 8.45 -9.17 30.63
C ARG A 36 9.70 -9.86 30.04
N ARG A 37 10.51 -9.14 29.25
CA ARG A 37 11.86 -9.60 28.79
C ARG A 37 12.86 -9.44 29.95
N ALA A 38 13.44 -10.52 30.48
CA ALA A 38 14.56 -10.45 31.47
C ALA A 38 15.74 -9.69 30.87
N CYS A 39 16.09 -10.00 29.61
CA CYS A 39 17.11 -9.31 28.77
C CYS A 39 16.37 -8.63 27.61
N PRO A 40 16.31 -7.29 27.56
CA PRO A 40 15.43 -6.61 26.60
C PRO A 40 15.70 -6.88 25.12
N TYR A 41 16.93 -7.27 24.75
CA TYR A 41 17.28 -7.61 23.33
C TYR A 41 17.18 -9.13 23.09
N ARG A 42 16.56 -9.88 23.99
CA ARG A 42 16.20 -11.32 23.77
C ARG A 42 14.71 -11.52 24.07
N PRO A 43 13.85 -11.62 23.04
CA PRO A 43 12.42 -11.83 23.26
C PRO A 43 12.12 -13.07 24.12
N ALA A 44 11.05 -12.98 24.91
CA ALA A 44 10.43 -14.13 25.62
C ALA A 44 10.03 -15.14 24.56
N GLY A 45 10.76 -16.27 24.49
CA GLY A 45 10.41 -17.48 23.72
C GLY A 45 10.00 -18.61 24.66
N GLY A 46 10.18 -19.87 24.24
CA GLY A 46 9.59 -21.03 24.93
C GLY A 46 8.21 -21.41 24.38
N TYR A 47 7.56 -20.53 23.62
CA TYR A 47 6.23 -20.81 23.03
C TYR A 47 6.42 -21.93 22.00
N GLU A 48 5.58 -22.96 22.06
CA GLU A 48 5.42 -24.03 21.05
C GLU A 48 5.09 -23.37 19.70
N ARG A 49 5.49 -24.03 18.61
CA ARG A 49 5.24 -23.60 17.20
C ARG A 49 4.42 -24.66 16.48
N PRO A 50 3.69 -24.36 15.38
CA PRO A 50 3.60 -23.00 14.83
C PRO A 50 2.48 -22.12 15.43
N VAL A 51 1.66 -22.68 16.34
CA VAL A 51 0.45 -22.04 16.95
C VAL A 51 0.33 -22.56 18.38
N THR A 52 -0.07 -21.74 19.32
CA THR A 52 -0.19 -22.17 20.73
C THR A 52 -1.24 -21.29 21.41
N ARG A 53 -1.78 -21.76 22.52
CA ARG A 53 -2.88 -21.12 23.27
C ARG A 53 -2.21 -20.30 24.36
N VAL A 54 -2.62 -19.06 24.53
CA VAL A 54 -2.12 -18.20 25.61
C VAL A 54 -3.31 -17.53 26.29
N ARG A 55 -3.02 -16.83 27.37
CA ARG A 55 -4.00 -15.98 28.10
C ARG A 55 -3.45 -14.55 28.04
N LEU A 56 -4.24 -13.58 27.58
CA LEU A 56 -3.86 -12.14 27.59
C LEU A 56 -3.90 -11.58 29.03
N TYR A 57 -3.48 -10.32 29.24
CA TYR A 57 -3.34 -9.71 30.59
C TYR A 57 -4.65 -9.85 31.40
N ASP A 58 -5.82 -9.71 30.78
CA ASP A 58 -7.16 -9.68 31.45
C ASP A 58 -7.81 -11.07 31.36
N GLY A 59 -7.01 -12.09 31.10
CA GLY A 59 -7.44 -13.49 31.14
C GLY A 59 -8.03 -13.95 29.83
N ARG A 60 -8.22 -13.07 28.85
CA ARG A 60 -8.86 -13.48 27.57
C ARG A 60 -8.01 -14.54 26.88
N PRO A 61 -8.58 -15.69 26.47
CA PRO A 61 -7.83 -16.69 25.70
C PRO A 61 -7.48 -16.13 24.32
N ALA A 62 -6.32 -16.53 23.79
CA ALA A 62 -5.82 -16.08 22.46
C ALA A 62 -5.01 -17.18 21.82
N TRP A 63 -5.11 -17.31 20.49
CA TRP A 63 -4.13 -18.04 19.66
C TRP A 63 -2.91 -17.15 19.47
N LEU A 64 -1.74 -17.62 19.87
CA LEU A 64 -0.45 -16.97 19.57
C LEU A 64 0.16 -17.69 18.38
N VAL A 65 0.38 -16.97 17.28
CA VAL A 65 1.01 -17.51 16.04
C VAL A 65 2.51 -17.29 16.13
N THR A 66 3.28 -18.37 16.21
CA THR A 66 4.72 -18.40 16.55
C THR A 66 5.56 -18.97 15.41
N GLY A 67 4.95 -19.56 14.40
CA GLY A 67 5.71 -20.08 13.24
C GLY A 67 5.85 -18.99 12.22
N HIS A 68 6.92 -19.01 11.42
CA HIS A 68 7.21 -17.93 10.44
C HIS A 68 6.23 -18.04 9.27
N GLU A 69 6.03 -19.23 8.69
CA GLU A 69 5.10 -19.46 7.54
C GLU A 69 3.66 -19.10 7.96
N THR A 70 3.25 -19.48 9.18
CA THR A 70 1.88 -19.28 9.68
C THR A 70 1.70 -17.80 10.02
N ALA A 71 2.67 -17.14 10.66
CA ALA A 71 2.72 -15.66 10.77
C ALA A 71 2.32 -15.00 9.44
N ARG A 72 3.03 -15.30 8.38
CA ARG A 72 2.83 -14.67 7.05
C ARG A 72 1.41 -14.95 6.57
N GLN A 73 0.93 -16.16 6.75
CA GLN A 73 -0.40 -16.58 6.25
C GLN A 73 -1.46 -15.74 6.96
N VAL A 74 -1.33 -15.56 8.28
CA VAL A 74 -2.34 -14.85 9.09
C VAL A 74 -2.29 -13.35 8.73
N LEU A 75 -1.10 -12.75 8.60
CA LEU A 75 -0.95 -11.31 8.30
C LEU A 75 -1.46 -11.04 6.87
N LEU A 76 -1.31 -11.99 5.94
CA LEU A 76 -1.79 -11.80 4.53
C LEU A 76 -3.30 -12.00 4.42
N ASP A 77 -3.89 -12.84 5.27
CA ASP A 77 -5.34 -13.15 5.22
C ASP A 77 -6.09 -12.06 6.01
N ALA A 78 -6.17 -10.86 5.45
CA ALA A 78 -6.56 -9.61 6.14
C ALA A 78 -8.07 -9.54 6.33
N ALA A 79 -8.87 -10.25 5.52
CA ALA A 79 -10.35 -10.33 5.67
C ALA A 79 -10.71 -11.25 6.85
N THR A 80 -10.13 -12.45 6.89
CA THR A 80 -10.33 -13.46 7.96
C THR A 80 -9.72 -12.96 9.27
N PHE A 81 -8.54 -12.33 9.22
CA PHE A 81 -7.82 -11.85 10.44
C PHE A 81 -7.74 -10.31 10.43
N SER A 82 -8.77 -9.72 11.06
CA SER A 82 -9.07 -8.26 11.06
C SER A 82 -8.17 -7.53 12.06
N SER A 83 -7.66 -6.35 11.70
CA SER A 83 -6.95 -5.43 12.61
C SER A 83 -7.81 -4.22 12.96
N ASP A 84 -9.13 -4.31 12.78
CA ASP A 84 -10.11 -3.23 13.10
C ASP A 84 -10.14 -2.99 14.62
N ARG A 85 -9.34 -2.05 15.09
CA ARG A 85 -9.16 -1.77 16.54
C ARG A 85 -10.49 -1.26 17.12
N GLN A 86 -11.45 -0.85 16.27
CA GLN A 86 -12.75 -0.27 16.70
C GLN A 86 -13.79 -1.36 16.94
N HIS A 87 -13.60 -2.57 16.38
CA HIS A 87 -14.52 -3.72 16.57
C HIS A 87 -14.44 -4.17 18.02
N PRO A 88 -15.58 -4.52 18.66
CA PRO A 88 -15.55 -4.99 20.05
C PRO A 88 -14.74 -6.29 20.30
N ALA A 89 -14.53 -7.15 19.30
CA ALA A 89 -13.76 -8.40 19.48
C ALA A 89 -12.25 -8.12 19.44
N PHE A 90 -11.81 -6.91 19.11
CA PHE A 90 -10.37 -6.63 18.86
C PHE A 90 -9.64 -6.80 20.19
N PRO A 91 -8.58 -7.62 20.30
CA PRO A 91 -7.89 -7.80 21.57
C PRO A 91 -6.93 -6.67 21.95
N ALA A 92 -7.03 -6.19 23.19
CA ALA A 92 -6.01 -5.35 23.84
C ALA A 92 -4.99 -6.26 24.53
N LEU A 93 -3.70 -5.97 24.36
CA LEU A 93 -2.57 -6.75 24.92
C LEU A 93 -2.12 -6.20 26.29
N ALA A 94 -2.58 -5.00 26.67
CA ALA A 94 -2.29 -4.35 27.98
C ALA A 94 -3.44 -3.43 28.40
N ALA A 95 -3.63 -3.27 29.72
CA ALA A 95 -4.68 -2.42 30.37
C ALA A 95 -4.62 -1.00 29.84
N ARG A 96 -3.42 -0.43 29.75
CA ARG A 96 -3.14 0.97 29.29
C ARG A 96 -3.63 1.17 27.85
N PHE A 97 -3.82 0.10 27.08
CA PHE A 97 -4.21 0.16 25.64
C PHE A 97 -5.66 -0.33 25.50
N GLU A 98 -6.27 -0.80 26.60
CA GLU A 98 -7.73 -1.11 26.69
C GLU A 98 -8.49 0.20 26.49
N ALA A 99 -8.22 1.20 27.34
CA ALA A 99 -8.75 2.58 27.28
C ALA A 99 -8.32 3.23 25.96
N ILE A 107 -6.13 7.55 16.88
CA ILE A 107 -5.39 7.61 15.58
C ILE A 107 -5.01 6.20 15.14
N GLY A 108 -4.95 6.00 13.84
CA GLY A 108 -5.00 4.68 13.17
C GLY A 108 -5.86 4.81 11.95
N MET A 109 -5.55 4.08 10.89
CA MET A 109 -6.34 4.11 9.63
C MET A 109 -7.52 3.15 9.78
N ASP A 110 -8.74 3.71 9.93
CA ASP A 110 -10.01 2.93 10.07
C ASP A 110 -10.19 2.08 8.82
N PRO A 111 -10.93 0.95 8.91
CA PRO A 111 -11.02 -0.01 7.80
C PRO A 111 -11.51 0.51 6.45
N PRO A 112 -12.63 1.27 6.35
CA PRO A 112 -13.13 1.69 5.05
C PRO A 112 -12.11 2.59 4.31
N GLU A 113 -11.40 3.42 5.07
CA GLU A 113 -10.42 4.42 4.54
C GLU A 113 -9.04 3.79 4.38
N HIS A 114 -8.79 2.59 4.92
CA HIS A 114 -7.40 2.06 5.08
C HIS A 114 -6.62 2.13 3.76
N THR A 115 -7.11 1.58 2.65
CA THR A 115 -6.25 1.43 1.44
C THR A 115 -5.98 2.81 0.85
N ALA A 116 -6.90 3.77 0.98
CA ALA A 116 -6.76 5.15 0.45
C ALA A 116 -5.75 5.92 1.30
N GLN A 117 -5.85 5.80 2.62
CA GLN A 117 -4.99 6.56 3.56
C GLN A 117 -3.56 6.04 3.41
N ARG A 118 -3.41 4.71 3.26
CA ARG A 118 -2.09 4.02 3.15
C ARG A 118 -1.44 4.46 1.84
N ARG A 119 -2.18 4.51 0.73
CA ARG A 119 -1.68 4.92 -0.61
C ARG A 119 -1.19 6.38 -0.56
N MET A 120 -1.93 7.26 0.10
CA MET A 120 -1.55 8.66 0.46
C MET A 120 -0.15 8.66 1.11
N LEU A 121 0.02 7.91 2.20
CA LEU A 121 1.27 7.95 3.00
C LEU A 121 2.44 7.36 2.21
N ILE A 122 2.19 6.30 1.43
CA ILE A 122 3.23 5.51 0.72
C ILE A 122 3.94 6.38 -0.34
N SER A 123 3.24 7.32 -0.98
CA SER A 123 3.84 8.30 -1.91
C SER A 123 4.93 9.14 -1.21
N GLY A 124 4.89 9.28 0.11
CA GLY A 124 5.89 10.05 0.89
C GLY A 124 7.03 9.18 1.40
N PHE A 125 7.03 7.90 1.04
CA PHE A 125 8.02 6.89 1.53
C PHE A 125 8.61 6.07 0.38
N THR A 126 8.76 6.68 -0.81
CA THR A 126 9.45 6.04 -1.96
C THR A 126 10.93 5.84 -1.61
N ALA A 127 11.60 4.91 -2.31
CA ALA A 127 13.05 4.65 -2.17
C ALA A 127 13.81 5.94 -2.54
N LYS A 128 13.33 6.69 -3.53
CA LYS A 128 13.94 7.98 -3.96
C LYS A 128 13.86 8.99 -2.82
N ARG A 129 12.68 9.09 -2.18
CA ARG A 129 12.49 10.00 -1.04
C ARG A 129 13.45 9.64 0.10
N VAL A 130 13.58 8.36 0.47
CA VAL A 130 14.48 7.95 1.61
C VAL A 130 15.94 8.24 1.22
N ALA A 131 16.33 7.89 0.00
CA ALA A 131 17.70 8.16 -0.54
C ALA A 131 17.97 9.66 -0.44
N THR A 132 17.01 10.49 -0.85
CA THR A 132 17.09 11.97 -0.75
C THR A 132 17.29 12.40 0.70
N LEU A 133 16.73 11.71 1.68
CA LEU A 133 16.80 12.11 3.11
C LEU A 133 18.11 11.66 3.77
N ARG A 134 18.87 10.72 3.18
CA ARG A 134 20.05 10.14 3.84
C ARG A 134 21.02 11.25 4.30
N PRO A 135 21.39 12.24 3.46
CA PRO A 135 22.29 13.30 3.91
C PRO A 135 21.75 14.08 5.12
N ALA A 136 20.46 14.40 5.10
CA ALA A 136 19.75 15.04 6.23
C ALA A 136 19.82 14.16 7.48
N ILE A 137 19.68 12.83 7.33
CA ILE A 137 19.69 11.88 8.48
C ILE A 137 21.09 11.88 9.07
N THR A 138 22.12 11.84 8.23
CA THR A 138 23.51 11.80 8.76
C THR A 138 23.85 13.15 9.43
N GLU A 139 23.34 14.28 8.95
CA GLU A 139 23.48 15.58 9.65
C GLU A 139 22.80 15.49 11.03
N ILE A 140 21.61 14.92 11.12
CA ILE A 140 20.86 14.84 12.41
C ILE A 140 21.65 13.98 13.39
N VAL A 141 22.14 12.82 12.91
CA VAL A 141 22.91 11.82 13.68
C VAL A 141 24.21 12.46 14.20
N ASP A 142 24.95 13.12 13.33
CA ASP A 142 26.21 13.81 13.70
C ASP A 142 25.94 14.91 14.75
N SER A 143 24.90 15.73 14.58
CA SER A 143 24.64 16.84 15.54
C SER A 143 24.26 16.24 16.91
N LEU A 144 23.60 15.06 16.96
CA LEU A 144 23.26 14.43 18.26
C LEU A 144 24.49 13.77 18.87
N LEU A 145 25.39 13.18 18.06
CA LEU A 145 26.68 12.63 18.55
C LEU A 145 27.60 13.78 19.01
N ASP A 146 27.57 14.95 18.37
CA ASP A 146 28.25 16.15 18.93
C ASP A 146 27.79 16.35 20.39
N GLU A 147 26.50 16.26 20.70
CA GLU A 147 25.97 16.46 22.08
C GLU A 147 26.45 15.32 23.00
N VAL A 148 26.49 14.07 22.53
CA VAL A 148 27.00 12.88 23.29
C VAL A 148 28.46 13.11 23.71
N VAL A 149 29.30 13.51 22.76
CA VAL A 149 30.74 13.80 22.97
C VAL A 149 30.92 15.03 23.86
N ARG A 150 30.12 16.09 23.68
CA ARG A 150 30.17 17.32 24.52
C ARG A 150 29.96 16.97 26.00
N ARG A 151 28.96 16.13 26.30
CA ARG A 151 28.65 15.70 27.68
C ARG A 151 29.80 14.81 28.15
N GLY A 152 30.10 13.73 27.41
CA GLY A 152 31.30 12.89 27.61
C GLY A 152 30.98 11.53 28.22
N PRO A 153 31.98 10.64 28.39
CA PRO A 153 31.79 9.34 29.06
C PRO A 153 30.89 9.39 30.30
N GLY A 154 29.96 8.41 30.44
CA GLY A 154 28.89 8.39 31.47
C GLY A 154 27.52 8.80 30.92
N VAL A 155 27.48 9.42 29.74
CA VAL A 155 26.22 9.91 29.09
C VAL A 155 25.24 8.73 28.95
N ASP A 156 23.94 8.99 29.14
CA ASP A 156 22.83 8.06 28.80
C ASP A 156 22.54 8.22 27.31
N LEU A 157 22.78 7.16 26.56
CA LEU A 157 22.66 7.21 25.09
C LEU A 157 21.19 7.30 24.70
N VAL A 158 20.25 6.83 25.54
CA VAL A 158 18.79 6.83 25.21
C VAL A 158 18.27 8.28 25.11
N ALA A 159 18.48 9.08 26.15
CA ALA A 159 18.01 10.49 26.22
C ALA A 159 18.76 11.33 25.19
N THR A 160 20.03 11.03 24.94
CA THR A 160 20.91 11.95 24.16
C THR A 160 20.95 11.54 22.70
N PHE A 161 20.58 10.30 22.35
CA PHE A 161 20.81 9.82 20.97
C PHE A 161 19.69 8.96 20.42
N THR A 162 19.37 7.83 21.08
CA THR A 162 18.46 6.82 20.49
C THR A 162 17.03 7.35 20.38
N LEU A 163 16.53 8.06 21.40
CA LEU A 163 15.18 8.67 21.37
C LEU A 163 15.14 9.87 20.43
N PRO A 164 16.07 10.84 20.52
CA PRO A 164 16.00 12.02 19.67
C PRO A 164 16.22 11.77 18.18
N VAL A 165 17.06 10.80 17.78
CA VAL A 165 17.39 10.62 16.33
C VAL A 165 16.09 10.41 15.55
N PRO A 166 15.21 9.45 15.92
CA PRO A 166 14.04 9.17 15.09
C PRO A 166 12.93 10.22 15.15
N SER A 167 12.78 10.97 16.23
CA SER A 167 11.78 12.09 16.27
C SER A 167 12.26 13.23 15.37
N VAL A 168 13.55 13.55 15.41
CA VAL A 168 14.08 14.65 14.55
C VAL A 168 14.06 14.23 13.08
N VAL A 169 14.25 12.94 12.76
CA VAL A 169 14.13 12.44 11.38
C VAL A 169 12.68 12.56 10.94
N ILE A 170 11.74 12.25 11.82
CA ILE A 170 10.29 12.44 11.46
C ILE A 170 9.98 13.93 11.24
N CYS A 171 10.57 14.83 12.04
CA CYS A 171 10.55 16.31 11.76
C CYS A 171 10.93 16.58 10.31
N ARG A 172 12.10 16.08 9.91
CA ARG A 172 12.64 16.34 8.58
C ARG A 172 11.75 15.65 7.52
N LEU A 173 11.21 14.47 7.80
CA LEU A 173 10.31 13.77 6.86
C LEU A 173 9.03 14.61 6.69
N LEU A 174 8.49 15.18 7.77
CA LEU A 174 7.20 15.94 7.74
C LEU A 174 7.37 17.33 7.09
N GLY A 175 8.54 17.95 7.24
CA GLY A 175 8.82 19.35 6.91
C GLY A 175 8.70 20.26 8.13
N VAL A 176 8.97 19.75 9.32
CA VAL A 176 8.96 20.58 10.54
C VAL A 176 10.26 21.37 10.50
N PRO A 177 10.19 22.73 10.51
CA PRO A 177 11.37 23.57 10.39
C PRO A 177 12.30 23.39 11.58
N TYR A 178 13.59 23.62 11.30
CA TYR A 178 14.74 23.38 12.20
C TYR A 178 14.45 24.08 13.53
N ALA A 179 13.98 25.34 13.51
CA ALA A 179 13.66 26.16 14.73
C ALA A 179 12.74 25.44 15.71
N ASP A 180 11.84 24.57 15.20
CA ASP A 180 10.83 23.85 16.02
C ASP A 180 11.29 22.45 16.40
N HIS A 181 12.45 21.96 15.95
CA HIS A 181 12.90 20.56 16.22
C HIS A 181 13.07 20.33 17.73
N GLU A 182 13.57 21.32 18.48
CA GLU A 182 13.81 21.16 19.94
C GLU A 182 12.46 20.89 20.64
N PHE A 183 11.45 21.71 20.38
CA PHE A 183 10.11 21.57 21.00
C PHE A 183 9.55 20.19 20.66
N PHE A 184 9.56 19.86 19.37
CA PHE A 184 9.02 18.59 18.84
C PHE A 184 9.78 17.41 19.45
N GLU A 185 11.11 17.49 19.51
CA GLU A 185 11.93 16.38 20.11
C GLU A 185 11.47 16.20 21.57
N HIS A 186 11.24 17.31 22.27
CA HIS A 186 10.99 17.35 23.73
C HIS A 186 9.62 16.73 24.00
N GLN A 187 8.60 17.10 23.23
CA GLN A 187 7.21 16.62 23.44
C GLN A 187 7.12 15.14 23.03
N SER A 188 7.74 14.75 21.93
CA SER A 188 7.72 13.33 21.49
C SER A 188 8.46 12.48 22.52
N ARG A 189 9.52 13.00 23.14
CA ARG A 189 10.25 12.28 24.22
C ARG A 189 9.33 12.08 25.43
N ARG A 190 8.48 13.07 25.73
CA ARG A 190 7.51 13.00 26.86
C ARG A 190 6.55 11.82 26.64
N ILE A 191 6.06 11.60 25.42
CA ILE A 191 5.16 10.46 25.07
C ILE A 191 5.90 9.13 25.18
N ALA A 192 7.13 9.04 24.66
CA ALA A 192 7.83 7.76 24.37
C ALA A 192 8.78 7.34 25.50
N ALA A 193 9.27 8.24 26.34
CA ALA A 193 10.30 7.91 27.35
C ALA A 193 9.80 6.72 28.19
N GLY A 194 8.49 6.61 28.36
CA GLY A 194 7.87 5.62 29.26
C GLY A 194 8.37 5.86 30.67
N THR A 195 8.37 7.12 31.08
CA THR A 195 8.65 7.58 32.46
C THR A 195 7.61 8.64 32.86
N SER A 196 6.82 9.15 31.89
CA SER A 196 5.78 10.20 32.12
C SER A 196 4.51 9.52 32.62
N THR A 197 3.65 10.25 33.34
CA THR A 197 2.29 9.78 33.72
C THR A 197 1.45 9.71 32.46
N ALA A 198 0.29 9.06 32.50
CA ALA A 198 -0.65 8.98 31.36
C ALA A 198 -1.07 10.42 30.99
N ALA A 199 -1.08 11.32 31.98
CA ALA A 199 -1.57 12.71 31.84
C ALA A 199 -0.48 13.58 31.17
N GLU A 200 0.76 13.46 31.63
CA GLU A 200 1.97 14.10 31.04
C GLU A 200 2.08 13.71 29.56
N SER A 201 1.80 12.44 29.24
CA SER A 201 1.83 11.85 27.89
C SER A 201 0.67 12.39 27.02
N ALA A 202 -0.53 12.51 27.58
CA ALA A 202 -1.72 13.07 26.88
C ALA A 202 -1.51 14.56 26.57
N ASP A 203 -0.92 15.30 27.52
CA ASP A 203 -0.53 16.73 27.41
C ASP A 203 0.40 16.92 26.19
N ALA A 204 1.47 16.12 26.11
CA ALA A 204 2.54 16.18 25.08
C ALA A 204 1.93 15.90 23.72
N PHE A 205 1.05 14.91 23.66
CA PHE A 205 0.31 14.53 22.44
C PHE A 205 -0.47 15.74 21.94
N GLY A 206 -1.16 16.42 22.87
CA GLY A 206 -2.01 17.59 22.59
C GLY A 206 -1.20 18.76 22.09
N GLN A 207 -0.04 19.03 22.71
CA GLN A 207 0.92 20.04 22.22
C GLN A 207 1.36 19.74 20.79
N LEU A 208 1.75 18.49 20.45
CA LEU A 208 2.20 18.14 19.08
C LEU A 208 1.00 18.29 18.12
N LYS A 209 -0.20 17.95 18.58
CA LYS A 209 -1.42 18.05 17.73
C LYS A 209 -1.67 19.53 17.43
N ARG A 210 -1.57 20.36 18.45
CA ARG A 210 -1.74 21.83 18.30
C ARG A 210 -0.69 22.35 17.30
N TYR A 211 0.57 22.03 17.54
CA TYR A 211 1.71 22.50 16.73
C TYR A 211 1.48 22.17 15.23
N LEU A 212 1.13 20.92 14.94
CA LEU A 212 0.97 20.38 13.57
C LEU A 212 -0.26 21.00 12.88
N LEU A 213 -1.36 21.28 13.61
CA LEU A 213 -2.56 21.98 13.04
C LEU A 213 -2.16 23.39 12.56
N GLY A 214 -1.31 24.08 13.33
CA GLY A 214 -0.68 25.37 12.93
C GLY A 214 0.22 25.21 11.69
N LEU A 215 1.15 24.25 11.72
CA LEU A 215 2.17 24.13 10.68
C LEU A 215 1.50 23.73 9.35
N ILE A 216 0.54 22.84 9.37
CA ILE A 216 -0.04 22.30 8.11
C ILE A 216 -0.74 23.41 7.33
N GLU A 217 -1.13 24.53 7.94
CA GLU A 217 -1.80 25.62 7.20
C GLU A 217 -0.79 26.35 6.31
N THR A 218 0.51 26.21 6.58
CA THR A 218 1.61 26.79 5.78
C THR A 218 2.12 25.83 4.70
N LYS A 219 1.62 24.60 4.60
CA LYS A 219 2.18 23.56 3.69
C LYS A 219 1.43 23.52 2.35
N GLY A 220 1.99 22.80 1.39
CA GLY A 220 1.53 22.77 -0.02
C GLY A 220 1.88 24.05 -0.76
N ARG A 221 2.95 24.73 -0.35
CA ARG A 221 3.37 26.06 -0.87
C ARG A 221 4.79 25.94 -1.43
N GLY A 222 5.11 24.80 -2.07
CA GLY A 222 6.37 24.55 -2.79
C GLY A 222 7.22 23.44 -2.18
N GLY A 223 6.97 23.07 -0.91
CA GLY A 223 7.68 21.95 -0.26
C GLY A 223 7.33 20.60 -0.89
N GLU A 224 8.19 19.62 -0.67
CA GLU A 224 8.05 18.21 -1.13
C GLU A 224 8.13 17.28 0.08
N ASP A 225 7.79 17.76 1.27
CA ASP A 225 7.83 16.92 2.51
C ASP A 225 6.49 16.22 2.71
N MET A 226 6.41 15.35 3.71
CA MET A 226 5.17 14.55 3.92
C MET A 226 3.98 15.47 4.14
N LEU A 227 4.13 16.57 4.88
CA LEU A 227 2.96 17.48 5.14
C LEU A 227 2.49 18.12 3.83
N ASP A 228 3.39 18.41 2.89
CA ASP A 228 3.02 18.95 1.56
C ASP A 228 2.31 17.90 0.71
N VAL A 229 2.73 16.63 0.80
CA VAL A 229 2.07 15.50 0.08
C VAL A 229 0.61 15.43 0.53
N LEU A 230 0.38 15.39 1.83
CA LEU A 230 -0.97 15.29 2.44
C LEU A 230 -1.84 16.49 1.99
N VAL A 231 -1.33 17.72 2.06
CA VAL A 231 -2.09 18.94 1.65
C VAL A 231 -2.47 18.78 0.17
N ASP A 232 -1.50 18.39 -0.68
CA ASP A 232 -1.66 18.25 -2.15
C ASP A 232 -2.77 17.23 -2.46
N GLU A 233 -2.87 16.15 -1.68
CA GLU A 233 -3.87 15.06 -1.84
C GLU A 233 -5.26 15.54 -1.43
N GLN A 234 -5.35 16.24 -0.29
CA GLN A 234 -6.59 16.92 0.14
C GLN A 234 -7.03 17.91 -0.95
N VAL A 235 -6.13 18.81 -1.35
CA VAL A 235 -6.41 19.87 -2.37
C VAL A 235 -6.89 19.19 -3.67
N ALA A 236 -6.36 18.03 -4.03
CA ALA A 236 -6.66 17.33 -5.30
C ALA A 236 -7.98 16.56 -5.21
N THR A 237 -8.32 15.98 -4.06
CA THR A 237 -9.49 15.07 -3.89
C THR A 237 -10.67 15.84 -3.29
N GLY A 238 -10.39 16.74 -2.32
CA GLY A 238 -11.38 17.55 -1.58
C GLY A 238 -12.19 16.75 -0.57
N THR A 239 -11.80 15.52 -0.25
CA THR A 239 -12.57 14.60 0.64
C THR A 239 -11.82 14.29 1.94
N VAL A 240 -10.70 14.96 2.22
CA VAL A 240 -9.95 14.77 3.50
C VAL A 240 -9.93 16.12 4.22
N THR A 241 -10.28 16.13 5.49
CA THR A 241 -10.26 17.35 6.33
C THR A 241 -8.84 17.58 6.84
N THR A 242 -8.53 18.81 7.24
CA THR A 242 -7.21 19.18 7.79
C THR A 242 -6.96 18.46 9.12
N PRO A 243 -7.95 18.39 10.05
CA PRO A 243 -7.80 17.53 11.23
C PRO A 243 -7.43 16.08 10.91
N ASP A 244 -7.93 15.50 9.82
CA ASP A 244 -7.60 14.09 9.48
C ASP A 244 -6.12 14.06 9.07
N LEU A 245 -5.64 15.05 8.33
CA LEU A 245 -4.22 15.14 7.91
C LEU A 245 -3.33 15.23 9.16
N VAL A 246 -3.70 16.04 10.14
CA VAL A 246 -2.90 16.19 11.39
C VAL A 246 -2.84 14.81 12.04
N ASP A 247 -3.96 14.08 12.03
CA ASP A 247 -4.08 12.73 12.65
C ASP A 247 -3.12 11.74 11.97
N LEU A 248 -3.06 11.77 10.63
CA LEU A 248 -2.12 10.95 9.82
C LEU A 248 -0.67 11.29 10.20
N ALA A 249 -0.29 12.56 10.32
CA ALA A 249 1.07 12.99 10.73
C ALA A 249 1.38 12.51 12.16
N LEU A 250 0.42 12.61 13.07
CA LEU A 250 0.62 12.10 14.46
C LEU A 250 0.74 10.56 14.46
N LEU A 251 0.04 9.86 13.56
CA LEU A 251 0.14 8.40 13.40
C LEU A 251 1.59 8.01 13.03
N LEU A 252 2.19 8.66 12.02
CA LEU A 252 3.60 8.46 11.60
C LEU A 252 4.49 8.68 12.82
N LEU A 253 4.28 9.77 13.55
CA LEU A 253 5.20 10.06 14.66
C LEU A 253 5.15 8.91 15.64
N VAL A 254 3.94 8.42 15.96
CA VAL A 254 3.73 7.44 17.06
C VAL A 254 4.20 6.05 16.61
N ALA A 255 3.91 5.65 15.38
CA ALA A 255 4.38 4.40 14.74
C ALA A 255 5.90 4.38 14.55
N GLY A 256 6.53 5.51 14.27
CA GLY A 256 7.90 5.62 13.75
C GLY A 256 8.90 6.02 14.83
N HIS A 257 8.47 6.45 16.01
CA HIS A 257 9.38 7.09 17.00
C HIS A 257 9.93 6.03 17.97
N GLU A 258 9.09 5.50 18.87
CA GLU A 258 9.53 4.59 19.95
C GLU A 258 10.06 3.27 19.34
N THR A 259 9.47 2.82 18.24
CA THR A 259 9.87 1.58 17.57
C THR A 259 11.33 1.75 17.13
N THR A 260 11.61 2.79 16.34
CA THR A 260 12.95 3.00 15.74
C THR A 260 13.93 3.25 16.90
N ALA A 261 13.53 4.04 17.89
CA ALA A 261 14.39 4.40 19.03
C ALA A 261 14.79 3.13 19.76
N SER A 262 13.83 2.28 20.07
CA SER A 262 14.08 1.06 20.88
C SER A 262 14.86 0.03 20.08
N THR A 263 14.65 -0.12 18.78
CA THR A 263 15.51 -1.04 18.00
C THR A 263 16.93 -0.46 17.89
N LEU A 264 17.13 0.86 17.96
CA LEU A 264 18.48 1.48 17.90
C LEU A 264 19.21 1.21 19.23
N ALA A 265 18.57 1.49 20.37
CA ALA A 265 19.15 1.30 21.72
C ALA A 265 19.48 -0.19 21.93
N LEU A 266 18.57 -1.09 21.58
CA LEU A 266 18.76 -2.55 21.76
C LEU A 266 19.87 -3.03 20.82
N GLY A 267 19.86 -2.55 19.58
CA GLY A 267 20.93 -2.77 18.59
C GLY A 267 22.29 -2.45 19.18
N VAL A 268 22.43 -1.27 19.77
CA VAL A 268 23.72 -0.88 20.41
C VAL A 268 24.07 -1.89 21.51
N ALA A 269 23.16 -2.19 22.44
CA ALA A 269 23.43 -3.11 23.57
C ALA A 269 23.86 -4.48 23.05
N LEU A 270 23.15 -4.98 22.04
CA LEU A 270 23.40 -6.29 21.43
C LEU A 270 24.79 -6.25 20.75
N LEU A 271 25.11 -5.23 19.96
CA LEU A 271 26.43 -5.14 19.30
C LEU A 271 27.53 -5.08 20.37
N LEU A 272 27.34 -4.35 21.44
CA LEU A 272 28.35 -4.25 22.52
C LEU A 272 28.55 -5.63 23.11
N GLU A 273 27.49 -6.40 23.36
CA GLU A 273 27.58 -7.78 23.91
C GLU A 273 28.36 -8.68 22.93
N GLN A 274 28.06 -8.61 21.64
CA GLN A 274 28.64 -9.51 20.60
C GLN A 274 30.00 -8.98 20.12
N ASP A 275 30.53 -7.88 20.68
CA ASP A 275 31.74 -7.18 20.14
C ASP A 275 31.57 -6.83 18.65
N GLY A 276 30.41 -6.31 18.26
CA GLY A 276 30.01 -6.14 16.84
C GLY A 276 30.07 -4.70 16.39
N GLY A 277 30.57 -3.80 17.25
CA GLY A 277 30.72 -2.36 16.88
C GLY A 277 31.35 -2.19 15.49
N ALA A 278 32.43 -2.91 15.20
CA ALA A 278 33.30 -2.71 14.02
C ALA A 278 32.53 -3.07 12.76
N VAL A 279 31.69 -4.10 12.85
CA VAL A 279 30.88 -4.59 11.69
C VAL A 279 29.78 -3.58 11.37
N ALA A 280 29.22 -2.94 12.40
CA ALA A 280 28.19 -1.90 12.25
C ALA A 280 28.82 -0.65 11.63
N ALA A 281 30.09 -0.35 11.93
CA ALA A 281 30.83 0.77 11.31
C ALA A 281 31.11 0.56 9.81
N ASP A 282 31.05 -0.68 9.33
CA ASP A 282 31.40 -1.09 7.95
C ASP A 282 30.26 -0.75 7.00
N PRO A 283 30.47 0.18 6.05
CA PRO A 283 29.39 0.61 5.16
C PRO A 283 28.83 -0.49 4.26
N THR A 284 29.62 -1.52 3.97
CA THR A 284 29.23 -2.69 3.14
C THR A 284 28.42 -3.71 3.97
N ARG A 285 28.53 -3.67 5.29
CA ARG A 285 27.92 -4.69 6.19
C ARG A 285 26.73 -4.11 6.98
N VAL A 286 26.64 -2.79 7.18
CA VAL A 286 25.67 -2.21 8.16
C VAL A 286 24.25 -2.58 7.72
N GLY A 287 23.92 -2.59 6.42
CA GLY A 287 22.57 -3.01 5.99
C GLY A 287 22.21 -4.38 6.55
N ALA A 288 23.08 -5.38 6.38
CA ALA A 288 22.88 -6.76 6.83
C ALA A 288 22.93 -6.80 8.36
N VAL A 289 23.79 -6.00 8.98
CA VAL A 289 23.79 -5.97 10.46
C VAL A 289 22.41 -5.46 10.92
N VAL A 290 21.80 -4.51 10.19
CA VAL A 290 20.54 -3.89 10.68
C VAL A 290 19.40 -4.91 10.54
N GLU A 291 19.41 -5.71 9.47
CA GLU A 291 18.38 -6.77 9.26
C GLU A 291 18.47 -7.72 10.47
N GLU A 292 19.68 -8.06 10.88
CA GLU A 292 19.88 -9.08 11.93
C GLU A 292 19.49 -8.48 13.30
N ILE A 293 19.70 -7.19 13.51
CA ILE A 293 19.21 -6.48 14.73
C ILE A 293 17.67 -6.48 14.74
N LEU A 294 17.03 -6.20 13.61
CA LEU A 294 15.56 -6.23 13.48
C LEU A 294 15.01 -7.63 13.79
N ARG A 295 15.58 -8.69 13.19
CA ARG A 295 15.14 -10.08 13.45
C ARG A 295 15.23 -10.38 14.95
N HIS A 296 16.38 -10.06 15.56
CA HIS A 296 16.64 -10.33 17.01
C HIS A 296 15.69 -9.56 17.93
N THR A 297 15.46 -8.27 17.68
CA THR A 297 14.89 -7.35 18.70
C THR A 297 13.37 -7.31 18.64
N ALA A 298 12.77 -7.37 17.43
CA ALA A 298 11.31 -7.45 17.17
C ALA A 298 10.55 -6.69 18.26
N VAL A 299 10.78 -5.39 18.26
CA VAL A 299 10.43 -4.44 19.35
C VAL A 299 8.90 -4.25 19.46
N ALA A 300 8.19 -4.37 18.33
CA ALA A 300 6.76 -4.70 18.28
C ALA A 300 6.64 -6.22 18.31
N ASP A 301 6.68 -6.75 19.53
CA ASP A 301 6.79 -8.17 19.89
C ASP A 301 5.66 -8.97 19.23
N GLY A 302 4.44 -8.45 19.29
CA GLY A 302 3.23 -9.11 18.76
C GLY A 302 2.28 -8.10 18.13
N VAL A 303 1.51 -8.48 17.11
CA VAL A 303 0.40 -7.62 16.63
C VAL A 303 -0.90 -8.41 16.76
N ALA A 304 -1.98 -7.75 17.20
CA ALA A 304 -3.28 -8.37 17.46
C ALA A 304 -4.11 -8.42 16.17
N ARG A 305 -4.88 -9.48 16.01
CA ARG A 305 -6.00 -9.64 15.06
C ARG A 305 -7.18 -10.28 15.80
N PHE A 306 -8.33 -10.40 15.14
CA PHE A 306 -9.43 -11.29 15.58
C PHE A 306 -9.99 -11.95 14.33
N ALA A 307 -10.46 -13.19 14.48
CA ALA A 307 -11.08 -13.95 13.38
C ALA A 307 -12.47 -13.35 13.15
N THR A 308 -12.77 -13.01 11.90
CA THR A 308 -14.09 -12.50 11.48
C THR A 308 -15.00 -13.67 11.11
N ARG A 309 -14.45 -14.88 11.01
CA ARG A 309 -15.17 -16.10 10.55
C ARG A 309 -14.43 -17.32 11.09
N ASP A 310 -15.13 -18.46 11.19
CA ASP A 310 -14.49 -19.76 11.50
C ASP A 310 -13.43 -20.05 10.45
N THR A 311 -12.20 -20.34 10.92
CA THR A 311 -11.03 -20.76 10.11
C THR A 311 -10.18 -21.84 10.79
N GLU A 312 -9.07 -22.16 10.13
CA GLU A 312 -8.01 -23.09 10.57
C GLU A 312 -6.65 -22.49 10.16
N VAL A 313 -5.71 -22.49 11.11
CA VAL A 313 -4.27 -22.18 10.94
C VAL A 313 -3.49 -23.40 11.43
N ALA A 314 -2.70 -24.03 10.55
CA ALA A 314 -1.84 -25.20 10.85
C ALA A 314 -2.64 -26.28 11.62
N GLY A 315 -3.85 -26.59 11.14
CA GLY A 315 -4.77 -27.59 11.75
C GLY A 315 -5.56 -27.07 12.96
N VAL A 316 -5.21 -25.92 13.54
CA VAL A 316 -5.90 -25.44 14.75
C VAL A 316 -7.21 -24.72 14.35
N ARG A 317 -8.29 -25.04 15.07
CA ARG A 317 -9.65 -24.54 14.76
C ARG A 317 -9.86 -23.21 15.45
N ILE A 318 -10.12 -22.17 14.64
CA ILE A 318 -10.30 -20.79 15.15
C ILE A 318 -11.74 -20.35 14.91
N ALA A 319 -12.43 -20.00 16.00
CA ALA A 319 -13.82 -19.51 15.98
C ALA A 319 -13.83 -18.00 15.73
N ALA A 320 -14.80 -17.54 14.95
CA ALA A 320 -15.14 -16.11 14.76
C ALA A 320 -15.16 -15.44 16.12
N GLY A 321 -14.46 -14.31 16.24
CA GLY A 321 -14.42 -13.53 17.49
C GLY A 321 -13.22 -13.87 18.34
N ASP A 322 -12.52 -14.97 18.06
CA ASP A 322 -11.31 -15.38 18.81
C ASP A 322 -10.20 -14.36 18.56
N ALA A 323 -9.45 -14.05 19.62
CA ALA A 323 -8.20 -13.29 19.61
C ALA A 323 -7.14 -14.12 18.89
N VAL A 324 -6.41 -13.47 17.99
CA VAL A 324 -5.27 -14.08 17.26
C VAL A 324 -4.12 -13.08 17.28
N VAL A 325 -3.06 -13.39 18.01
CA VAL A 325 -1.89 -12.48 18.15
C VAL A 325 -0.77 -13.11 17.32
N VAL A 326 -0.16 -12.32 16.44
CA VAL A 326 1.00 -12.81 15.66
C VAL A 326 2.23 -12.38 16.45
N ALA A 327 2.94 -13.35 17.03
CA ALA A 327 4.20 -13.11 17.79
C ALA A 327 5.35 -12.98 16.77
N LEU A 328 5.57 -11.76 16.28
CA LEU A 328 6.64 -11.46 15.27
C LEU A 328 8.00 -11.88 15.87
N SER A 329 8.24 -11.60 17.14
CA SER A 329 9.54 -11.97 17.77
C SER A 329 9.76 -13.49 17.68
N ALA A 330 8.71 -14.29 17.93
CA ALA A 330 8.81 -15.77 17.93
C ALA A 330 8.90 -16.30 16.49
N ALA A 331 8.13 -15.72 15.55
CA ALA A 331 8.20 -16.07 14.12
C ALA A 331 9.65 -15.86 13.63
N ASN A 332 10.31 -14.82 14.15
CA ASN A 332 11.68 -14.42 13.76
C ASN A 332 12.71 -15.46 14.28
N ARG A 333 12.33 -16.39 15.17
CA ARG A 333 13.25 -17.38 15.77
C ARG A 333 12.78 -18.81 15.48
N ASP A 334 11.94 -18.96 14.47
CA ASP A 334 11.49 -20.26 13.95
C ASP A 334 12.69 -20.98 13.35
N PRO A 335 13.14 -22.14 13.93
CA PRO A 335 14.39 -22.77 13.49
C PRO A 335 14.35 -23.35 12.07
N GLY A 336 13.17 -23.42 11.43
CA GLY A 336 13.00 -23.78 10.00
C GLY A 336 13.66 -22.75 9.10
N PRO A 337 13.11 -21.52 9.00
CA PRO A 337 13.72 -20.50 8.17
C PRO A 337 14.97 -19.87 8.77
N PHE A 338 15.20 -19.99 10.07
CA PHE A 338 16.34 -19.34 10.76
C PHE A 338 17.04 -20.37 11.62
N PRO A 339 17.77 -21.33 11.00
CA PRO A 339 18.53 -22.31 11.76
C PRO A 339 19.53 -21.60 12.67
N ASP A 340 19.86 -22.19 13.82
CA ASP A 340 20.66 -21.49 14.87
C ASP A 340 20.03 -20.12 15.11
N PRO A 341 18.73 -20.03 15.45
CA PRO A 341 18.00 -18.75 15.48
C PRO A 341 18.46 -17.67 16.48
N ASP A 342 19.09 -18.11 17.57
CA ASP A 342 19.43 -17.24 18.72
C ASP A 342 20.81 -16.62 18.55
N ARG A 343 21.60 -17.05 17.57
CA ARG A 343 22.96 -16.52 17.33
C ARG A 343 22.83 -15.21 16.58
N PHE A 344 23.69 -14.25 16.86
CA PHE A 344 23.77 -12.99 16.08
C PHE A 344 24.60 -13.26 14.83
N ASP A 345 24.00 -13.25 13.64
CA ASP A 345 24.75 -13.50 12.39
C ASP A 345 24.24 -12.60 11.27
N PRO A 346 24.96 -11.50 10.95
CA PRO A 346 24.62 -10.65 9.81
C PRO A 346 24.62 -11.30 8.42
N ARG A 347 25.28 -12.44 8.27
CA ARG A 347 25.50 -13.09 6.95
C ARG A 347 24.32 -14.00 6.66
N ARG A 348 23.43 -14.13 7.63
CA ARG A 348 22.27 -15.02 7.56
C ARG A 348 21.61 -14.94 6.19
N GLY A 349 21.26 -16.08 5.62
CA GLY A 349 20.48 -16.14 4.38
C GLY A 349 19.04 -16.55 4.64
N GLY A 350 18.30 -16.81 3.56
CA GLY A 350 16.92 -17.30 3.59
C GLY A 350 15.90 -16.17 3.64
N ARG A 351 14.75 -16.45 4.25
CA ARG A 351 13.52 -15.64 4.18
C ARG A 351 13.66 -14.36 5.02
N GLN A 352 12.88 -13.34 4.66
CA GLN A 352 12.82 -12.05 5.37
C GLN A 352 12.16 -12.30 6.73
N HIS A 353 12.67 -11.64 7.79
CA HIS A 353 12.02 -11.56 9.12
C HIS A 353 10.68 -10.82 9.00
N VAL A 354 9.84 -10.85 10.04
CA VAL A 354 8.51 -10.17 10.03
C VAL A 354 8.48 -9.06 11.10
N THR A 355 9.63 -8.44 11.41
CA THR A 355 9.74 -7.35 12.42
C THR A 355 8.83 -6.20 12.01
N PHE A 356 8.67 -6.00 10.70
CA PHE A 356 7.82 -4.95 10.10
C PHE A 356 6.47 -5.53 9.64
N GLY A 357 6.12 -6.73 10.10
CA GLY A 357 4.89 -7.42 9.68
C GLY A 357 4.97 -7.86 8.23
N HIS A 358 3.85 -7.99 7.54
CA HIS A 358 3.80 -8.62 6.22
C HIS A 358 2.41 -8.42 5.62
N GLY A 359 2.30 -8.26 4.31
CA GLY A 359 0.99 -8.13 3.66
C GLY A 359 0.44 -6.72 3.76
N PRO A 360 -0.90 -6.52 3.82
CA PRO A 360 -1.47 -5.20 3.58
C PRO A 360 -1.26 -4.13 4.65
N HIS A 361 -0.83 -4.48 5.86
CA HIS A 361 -0.55 -3.51 6.95
C HIS A 361 0.93 -3.44 7.26
N GLN A 362 1.77 -4.02 6.41
CA GLN A 362 3.23 -4.04 6.54
C GLN A 362 3.76 -2.60 6.66
N CYS A 363 4.74 -2.41 7.55
CA CYS A 363 5.37 -1.12 7.89
C CYS A 363 5.63 -0.26 6.66
N ILE A 364 4.92 0.86 6.58
CA ILE A 364 5.09 1.91 5.53
C ILE A 364 6.47 2.56 5.70
N GLY A 365 6.97 2.63 6.95
CA GLY A 365 8.21 3.33 7.26
C GLY A 365 9.44 2.45 7.22
N ALA A 366 9.32 1.18 6.79
CA ALA A 366 10.42 0.17 6.92
C ALA A 366 11.71 0.72 6.31
N ASN A 367 11.63 1.25 5.08
CA ASN A 367 12.80 1.74 4.30
C ASN A 367 13.47 2.90 5.05
N LEU A 368 12.67 3.82 5.62
CA LEU A 368 13.18 4.97 6.37
C LEU A 368 13.82 4.45 7.67
N ALA A 369 13.19 3.48 8.34
CA ALA A 369 13.70 2.93 9.61
C ALA A 369 15.07 2.26 9.39
N ARG A 370 15.24 1.49 8.31
CA ARG A 370 16.54 0.88 7.91
C ARG A 370 17.62 1.96 7.70
N ALA A 371 17.34 2.96 6.85
CA ALA A 371 18.29 4.06 6.58
C ALA A 371 18.72 4.69 7.90
N GLU A 372 17.76 4.97 8.78
CA GLU A 372 18.00 5.63 10.08
C GLU A 372 18.90 4.76 10.96
N LEU A 373 18.56 3.48 11.07
CA LEU A 373 19.33 2.53 11.91
C LEU A 373 20.75 2.35 11.36
N GLU A 374 20.88 2.27 10.05
CA GLU A 374 22.20 2.11 9.38
C GLU A 374 23.08 3.34 9.61
N ILE A 375 22.57 4.55 9.44
CA ILE A 375 23.40 5.78 9.54
C ILE A 375 23.75 5.98 11.02
N ALA A 376 22.80 5.79 11.94
CA ALA A 376 22.96 6.03 13.39
C ALA A 376 24.02 5.08 13.92
N LEU A 377 23.90 3.79 13.62
CA LEU A 377 24.86 2.77 14.13
C LEU A 377 26.22 2.98 13.45
N SER A 378 26.24 3.18 12.14
CA SER A 378 27.49 3.42 11.37
C SER A 378 28.27 4.60 11.96
N ARG A 379 27.63 5.78 12.09
CA ARG A 379 28.29 7.02 12.59
C ARG A 379 28.68 6.84 14.08
N LEU A 380 27.85 6.23 14.90
CA LEU A 380 28.14 6.03 16.34
C LEU A 380 29.48 5.28 16.47
N PHE A 381 29.60 4.15 15.78
CA PHE A 381 30.73 3.19 15.97
C PHE A 381 31.98 3.61 15.18
N THR A 382 31.85 4.45 14.15
CA THR A 382 33.00 5.10 13.47
C THR A 382 33.62 6.15 14.40
N ARG A 383 32.79 7.00 15.00
CA ARG A 383 33.25 8.12 15.86
C ARG A 383 33.72 7.59 17.22
N LEU A 384 33.08 6.55 17.76
CA LEU A 384 33.35 6.04 19.13
C LEU A 384 33.59 4.53 19.09
N PRO A 385 34.68 4.08 18.42
CA PRO A 385 34.92 2.64 18.25
C PRO A 385 35.13 1.92 19.60
N THR A 386 35.52 2.62 20.66
CA THR A 386 35.84 2.00 21.98
C THR A 386 34.60 2.07 22.90
N LEU A 387 33.40 2.20 22.32
CA LEU A 387 32.14 2.36 23.08
C LEU A 387 31.92 1.11 23.91
N ALA A 388 31.50 1.29 25.16
CA ALA A 388 31.23 0.20 26.13
C ALA A 388 30.11 0.64 27.09
N LEU A 389 29.31 -0.32 27.56
CA LEU A 389 28.36 -0.13 28.67
C LEU A 389 29.15 0.41 29.86
N ALA A 390 28.65 1.48 30.51
CA ALA A 390 29.20 2.08 31.74
C ALA A 390 28.62 1.39 32.99
N VAL A 391 27.64 0.48 32.83
CA VAL A 391 27.08 -0.40 33.89
C VAL A 391 26.95 -1.81 33.32
N PRO A 392 26.75 -2.86 34.17
CA PRO A 392 26.56 -4.23 33.69
C PRO A 392 25.21 -4.37 32.97
N VAL A 393 25.17 -5.18 31.91
CA VAL A 393 23.95 -5.38 31.05
C VAL A 393 22.74 -5.66 31.94
N GLU A 394 22.95 -6.43 33.01
CA GLU A 394 21.90 -6.90 33.96
C GLU A 394 21.21 -5.70 34.64
N GLU A 395 21.79 -4.49 34.57
CA GLU A 395 21.30 -3.24 35.25
C GLU A 395 20.72 -2.23 34.24
N LEU A 396 20.43 -2.63 33.00
CA LEU A 396 19.95 -1.70 31.94
C LEU A 396 18.50 -1.28 32.19
N GLY A 397 17.72 -2.16 32.83
CA GLY A 397 16.29 -1.91 33.11
C GLY A 397 15.43 -2.04 31.86
N GLY A 398 14.64 -3.10 31.77
CA GLY A 398 13.72 -3.34 30.65
C GLY A 398 12.44 -2.52 30.76
N LYS A 399 11.71 -2.40 29.65
CA LYS A 399 10.34 -1.83 29.58
C LYS A 399 9.33 -2.90 30.01
N GLU A 400 8.06 -2.50 30.18
CA GLU A 400 6.96 -3.39 30.63
C GLU A 400 6.57 -4.32 29.48
N ALA A 401 5.93 -5.43 29.82
CA ALA A 401 5.49 -6.45 28.84
C ALA A 401 4.62 -5.79 27.74
N GLY A 402 3.65 -4.97 28.09
CA GLY A 402 2.56 -4.55 27.16
C GLY A 402 3.01 -3.88 25.86
N GLY A 403 4.02 -2.99 25.90
CA GLY A 403 4.23 -1.96 24.85
C GLY A 403 5.42 -2.26 23.95
N VAL A 404 5.94 -1.24 23.27
CA VAL A 404 7.17 -1.34 22.45
C VAL A 404 8.31 -1.77 23.40
N GLN A 405 9.01 -2.88 23.10
CA GLN A 405 10.07 -3.42 23.98
C GLN A 405 11.33 -2.57 23.86
N GLY A 406 12.18 -2.54 24.88
CA GLY A 406 13.37 -1.67 24.87
C GLY A 406 13.99 -1.58 26.25
N VAL A 407 15.00 -0.73 26.37
CA VAL A 407 15.69 -0.39 27.65
C VAL A 407 15.23 1.02 28.02
N GLN A 408 15.24 1.35 29.32
CA GLN A 408 14.89 2.68 29.85
C GLN A 408 16.08 3.64 29.69
N ARG A 409 17.31 3.10 29.67
CA ARG A 409 18.55 3.90 29.60
C ARG A 409 19.68 3.02 29.06
N LEU A 410 20.73 3.68 28.55
CA LEU A 410 21.90 3.01 27.96
C LEU A 410 23.13 3.85 28.26
N PRO A 411 23.63 3.78 29.51
CA PRO A 411 24.83 4.52 29.89
C PRO A 411 26.06 3.86 29.23
N VAL A 412 26.97 4.67 28.70
CA VAL A 412 28.12 4.25 27.85
C VAL A 412 29.36 5.08 28.20
N THR A 413 30.55 4.45 28.16
CA THR A 413 31.89 5.10 28.12
C THR A 413 32.57 4.76 26.79
N TRP A 414 33.71 5.41 26.50
CA TRP A 414 34.61 5.05 25.37
C TRP A 414 36.07 5.35 25.72
N GLY B 46 -28.51 -13.33 -13.81
CA GLY B 46 -28.84 -13.11 -12.37
C GLY B 46 -28.48 -14.32 -11.52
N TYR B 47 -27.19 -14.57 -11.33
CA TYR B 47 -26.64 -15.73 -10.58
C TYR B 47 -27.14 -15.72 -9.13
N GLU B 48 -26.94 -16.86 -8.43
CA GLU B 48 -27.30 -17.03 -6.99
C GLU B 48 -26.16 -16.46 -6.13
N ARG B 49 -26.51 -15.65 -5.14
CA ARG B 49 -25.58 -15.05 -4.15
C ARG B 49 -25.61 -15.89 -2.88
N PRO B 50 -24.56 -15.84 -2.02
CA PRO B 50 -23.32 -15.11 -2.33
C PRO B 50 -22.24 -15.91 -3.07
N VAL B 51 -22.35 -17.24 -3.15
CA VAL B 51 -21.44 -18.11 -3.97
C VAL B 51 -22.27 -19.00 -4.89
N THR B 52 -21.73 -19.31 -6.07
CA THR B 52 -22.28 -20.18 -7.13
C THR B 52 -21.13 -21.11 -7.60
N ARG B 53 -21.42 -22.04 -8.52
CA ARG B 53 -20.42 -22.87 -9.25
C ARG B 53 -20.64 -22.67 -10.75
N VAL B 54 -19.62 -22.96 -11.56
CA VAL B 54 -19.60 -22.74 -13.05
C VAL B 54 -18.46 -23.56 -13.66
N ARG B 55 -18.33 -23.51 -14.99
CA ARG B 55 -17.16 -23.98 -15.79
C ARG B 55 -16.69 -22.81 -16.67
N LEU B 56 -15.43 -22.80 -17.13
CA LEU B 56 -14.86 -21.67 -17.90
C LEU B 56 -14.64 -22.10 -19.36
N TYR B 57 -13.63 -21.55 -20.05
CA TYR B 57 -13.25 -21.91 -21.44
C TYR B 57 -12.82 -23.39 -21.48
N ASP B 58 -12.25 -23.89 -20.37
CA ASP B 58 -11.52 -25.18 -20.26
C ASP B 58 -12.50 -26.32 -19.94
N GLY B 59 -13.73 -26.00 -19.55
CA GLY B 59 -14.66 -26.96 -18.93
C GLY B 59 -14.32 -27.19 -17.47
N ARG B 60 -13.08 -26.85 -17.06
CA ARG B 60 -12.58 -26.92 -15.66
C ARG B 60 -13.54 -26.17 -14.77
N PRO B 61 -14.00 -26.76 -13.64
CA PRO B 61 -15.00 -26.13 -12.80
C PRO B 61 -14.34 -25.06 -11.91
N ALA B 62 -15.09 -24.01 -11.58
CA ALA B 62 -14.63 -22.88 -10.75
C ALA B 62 -15.78 -22.39 -9.89
N TRP B 63 -15.43 -21.86 -8.71
CA TRP B 63 -16.37 -21.16 -7.81
C TRP B 63 -16.55 -19.73 -8.33
N LEU B 64 -17.78 -19.23 -8.40
CA LEU B 64 -18.06 -17.86 -8.85
C LEU B 64 -18.61 -17.08 -7.66
N VAL B 65 -17.82 -16.17 -7.11
CA VAL B 65 -18.25 -15.38 -5.94
C VAL B 65 -19.04 -14.18 -6.50
N THR B 66 -20.33 -14.10 -6.12
CA THR B 66 -21.38 -13.22 -6.68
C THR B 66 -21.84 -12.23 -5.59
N GLY B 67 -21.57 -12.55 -4.31
CA GLY B 67 -21.96 -11.70 -3.18
C GLY B 67 -20.90 -10.65 -2.93
N HIS B 68 -21.30 -9.47 -2.48
CA HIS B 68 -20.46 -8.25 -2.33
C HIS B 68 -19.49 -8.44 -1.14
N GLU B 69 -20.04 -8.63 0.06
CA GLU B 69 -19.30 -8.86 1.33
C GLU B 69 -18.33 -10.03 1.11
N THR B 70 -18.74 -11.10 0.43
CA THR B 70 -17.90 -12.30 0.21
C THR B 70 -16.88 -12.06 -0.92
N ALA B 71 -17.20 -11.23 -1.92
CA ALA B 71 -16.21 -10.79 -2.93
C ALA B 71 -15.06 -10.08 -2.18
N ARG B 72 -15.39 -9.13 -1.29
CA ARG B 72 -14.41 -8.35 -0.50
C ARG B 72 -13.52 -9.30 0.31
N GLN B 73 -14.12 -10.36 0.86
CA GLN B 73 -13.49 -11.37 1.72
C GLN B 73 -12.38 -12.07 0.94
N VAL B 74 -12.73 -12.61 -0.23
CA VAL B 74 -11.84 -13.45 -1.08
C VAL B 74 -10.68 -12.58 -1.61
N LEU B 75 -10.97 -11.35 -2.04
CA LEU B 75 -9.97 -10.43 -2.65
C LEU B 75 -8.93 -9.98 -1.60
N LEU B 76 -9.33 -9.92 -0.34
CA LEU B 76 -8.50 -9.39 0.76
C LEU B 76 -7.77 -10.56 1.45
N ASP B 77 -8.27 -11.78 1.34
CA ASP B 77 -7.60 -13.00 1.88
C ASP B 77 -6.61 -13.51 0.84
N ALA B 78 -5.48 -12.81 0.68
CA ALA B 78 -4.51 -13.03 -0.42
C ALA B 78 -3.59 -14.24 -0.13
N ALA B 79 -3.44 -14.69 1.12
CA ALA B 79 -2.67 -15.93 1.46
C ALA B 79 -3.47 -17.17 1.00
N THR B 80 -4.77 -17.20 1.28
CA THR B 80 -5.70 -18.31 0.94
C THR B 80 -6.06 -18.27 -0.56
N PHE B 81 -6.28 -17.09 -1.13
CA PHE B 81 -6.71 -16.96 -2.56
C PHE B 81 -5.62 -16.21 -3.32
N SER B 82 -4.77 -16.98 -4.00
CA SER B 82 -3.54 -16.54 -4.69
C SER B 82 -3.86 -15.94 -6.07
N SER B 83 -3.10 -14.92 -6.46
CA SER B 83 -3.16 -14.20 -7.77
C SER B 83 -1.97 -14.62 -8.65
N ASP B 84 -1.25 -15.67 -8.22
CA ASP B 84 0.00 -16.16 -8.85
C ASP B 84 -0.35 -16.84 -10.17
N ARG B 85 -0.23 -16.11 -11.29
CA ARG B 85 -0.49 -16.60 -12.67
C ARG B 85 0.64 -17.57 -13.09
N GLN B 86 1.79 -17.51 -12.41
CA GLN B 86 2.93 -18.46 -12.56
C GLN B 86 2.79 -19.64 -11.58
N HIS B 87 1.63 -20.29 -11.51
CA HIS B 87 1.39 -21.49 -10.68
C HIS B 87 0.35 -22.36 -11.36
N PRO B 88 0.66 -23.64 -11.65
CA PRO B 88 -0.19 -24.48 -12.51
C PRO B 88 -1.69 -24.45 -12.15
N ALA B 89 -2.03 -24.10 -10.90
CA ALA B 89 -3.40 -24.02 -10.37
C ALA B 89 -4.19 -22.84 -10.98
N PHE B 90 -3.51 -21.78 -11.44
CA PHE B 90 -4.16 -20.49 -11.82
C PHE B 90 -5.20 -20.70 -12.91
N PRO B 91 -6.45 -20.23 -12.73
CA PRO B 91 -7.51 -20.40 -13.73
C PRO B 91 -7.15 -19.94 -15.15
N GLU B 113 7.87 -10.04 -4.68
CA GLU B 113 8.11 -8.91 -5.62
C GLU B 113 6.98 -7.88 -5.52
N HIS B 114 5.74 -8.32 -5.76
CA HIS B 114 4.50 -7.52 -5.93
C HIS B 114 4.49 -6.26 -5.04
N THR B 115 4.83 -6.37 -3.75
CA THR B 115 4.62 -5.29 -2.76
C THR B 115 5.65 -4.15 -2.97
N ALA B 116 6.91 -4.44 -3.33
CA ALA B 116 7.93 -3.40 -3.59
C ALA B 116 7.68 -2.75 -4.97
N GLN B 117 7.17 -3.52 -5.94
CA GLN B 117 6.82 -3.02 -7.30
C GLN B 117 5.53 -2.19 -7.23
N ARG B 118 4.60 -2.56 -6.35
CA ARG B 118 3.32 -1.82 -6.13
C ARG B 118 3.68 -0.42 -5.63
N ARG B 119 4.44 -0.31 -4.54
CA ARG B 119 4.81 0.98 -3.90
C ARG B 119 5.50 1.88 -4.93
N MET B 120 6.27 1.27 -5.84
CA MET B 120 6.99 1.95 -6.97
C MET B 120 6.00 2.70 -7.86
N LEU B 121 4.92 2.03 -8.27
CA LEU B 121 3.85 2.61 -9.14
C LEU B 121 2.94 3.58 -8.39
N ILE B 122 2.77 3.44 -7.07
CA ILE B 122 1.79 4.23 -6.26
C ILE B 122 2.17 5.71 -6.38
N SER B 123 3.45 6.02 -6.19
CA SER B 123 4.05 7.38 -6.34
C SER B 123 3.53 8.06 -7.62
N GLY B 124 3.51 7.35 -8.73
CA GLY B 124 3.16 7.95 -10.04
C GLY B 124 1.65 8.10 -10.22
N PHE B 125 0.83 7.59 -9.30
CA PHE B 125 -0.64 7.52 -9.48
C PHE B 125 -1.39 8.31 -8.40
N THR B 126 -0.71 9.21 -7.67
CA THR B 126 -1.34 10.05 -6.61
C THR B 126 -2.43 10.94 -7.23
N ALA B 127 -3.36 11.37 -6.40
CA ALA B 127 -4.44 12.30 -6.75
C ALA B 127 -3.84 13.62 -7.27
N LYS B 128 -2.75 14.10 -6.63
CA LYS B 128 -2.06 15.35 -7.05
C LYS B 128 -1.55 15.23 -8.48
N ARG B 129 -0.83 14.14 -8.76
CA ARG B 129 -0.27 13.78 -10.08
C ARG B 129 -1.37 13.82 -11.14
N VAL B 130 -2.49 13.14 -10.86
CA VAL B 130 -3.67 13.06 -11.75
C VAL B 130 -4.25 14.47 -11.97
N ALA B 131 -4.27 15.31 -10.94
CA ALA B 131 -4.84 16.68 -10.99
C ALA B 131 -3.94 17.56 -11.87
N THR B 132 -2.64 17.31 -11.88
CA THR B 132 -1.62 18.04 -12.67
C THR B 132 -1.79 17.74 -14.15
N LEU B 133 -2.28 16.54 -14.49
CA LEU B 133 -2.41 16.02 -15.88
C LEU B 133 -3.78 16.38 -16.46
N ARG B 134 -4.72 16.86 -15.63
CA ARG B 134 -6.11 17.23 -16.02
C ARG B 134 -6.08 18.10 -17.29
N PRO B 135 -5.33 19.22 -17.36
CA PRO B 135 -5.21 20.00 -18.59
C PRO B 135 -4.75 19.21 -19.83
N ALA B 136 -3.72 18.37 -19.71
CA ALA B 136 -3.27 17.44 -20.77
C ALA B 136 -4.41 16.47 -21.16
N ILE B 137 -5.17 15.94 -20.20
CA ILE B 137 -6.29 15.02 -20.50
C ILE B 137 -7.39 15.78 -21.27
N THR B 138 -7.75 17.02 -20.91
CA THR B 138 -8.85 17.73 -21.61
C THR B 138 -8.36 18.11 -23.02
N GLU B 139 -7.08 18.45 -23.19
CA GLU B 139 -6.49 18.71 -24.53
C GLU B 139 -6.52 17.45 -25.39
N ILE B 140 -6.16 16.28 -24.83
CA ILE B 140 -6.21 14.98 -25.57
C ILE B 140 -7.68 14.72 -25.94
N VAL B 141 -8.57 14.78 -24.95
CA VAL B 141 -10.03 14.56 -25.15
C VAL B 141 -10.51 15.50 -26.28
N ASP B 142 -10.10 16.78 -26.27
CA ASP B 142 -10.58 17.82 -27.22
C ASP B 142 -9.99 17.62 -28.64
N SER B 143 -8.71 17.26 -28.79
CA SER B 143 -8.15 16.98 -30.13
C SER B 143 -8.87 15.77 -30.75
N LEU B 144 -9.21 14.72 -29.99
CA LEU B 144 -9.91 13.53 -30.54
C LEU B 144 -11.37 13.86 -30.82
N LEU B 145 -12.02 14.73 -30.04
CA LEU B 145 -13.41 15.18 -30.34
C LEU B 145 -13.40 16.01 -31.62
N ASP B 146 -12.30 16.71 -31.90
CA ASP B 146 -12.06 17.42 -33.18
C ASP B 146 -12.13 16.41 -34.34
N GLU B 147 -11.51 15.22 -34.18
CA GLU B 147 -11.53 14.17 -35.22
C GLU B 147 -12.95 13.61 -35.37
N VAL B 148 -13.71 13.43 -34.29
CA VAL B 148 -15.14 12.98 -34.34
C VAL B 148 -15.99 13.97 -35.18
N VAL B 149 -15.90 15.26 -34.87
CA VAL B 149 -16.66 16.35 -35.52
C VAL B 149 -16.20 16.47 -37.00
N ARG B 150 -14.90 16.36 -37.25
CA ARG B 150 -14.29 16.41 -38.61
C ARG B 150 -14.94 15.33 -39.47
N ARG B 151 -14.94 14.07 -39.02
CA ARG B 151 -15.58 12.94 -39.73
C ARG B 151 -17.07 13.25 -39.91
N GLY B 152 -17.76 13.51 -38.79
CA GLY B 152 -19.17 13.96 -38.74
C GLY B 152 -20.14 12.83 -38.43
N PRO B 153 -21.45 13.14 -38.38
CA PRO B 153 -22.49 12.19 -37.99
C PRO B 153 -22.39 10.81 -38.64
N GLY B 154 -22.59 9.76 -37.83
CA GLY B 154 -22.45 8.36 -38.24
C GLY B 154 -21.07 7.79 -37.91
N VAL B 155 -20.15 8.64 -37.44
CA VAL B 155 -18.81 8.23 -36.95
C VAL B 155 -18.94 7.18 -35.84
N ASP B 156 -18.03 6.22 -35.79
CA ASP B 156 -17.87 5.26 -34.67
C ASP B 156 -17.03 5.91 -33.56
N LEU B 157 -17.65 6.19 -32.41
CA LEU B 157 -16.99 6.86 -31.26
C LEU B 157 -15.93 5.94 -30.65
N VAL B 158 -16.01 4.63 -30.87
CA VAL B 158 -15.01 3.64 -30.36
C VAL B 158 -13.66 3.84 -31.06
N ALA B 159 -13.61 3.74 -32.38
CA ALA B 159 -12.32 3.78 -33.13
C ALA B 159 -11.70 5.18 -33.04
N THR B 160 -12.52 6.21 -32.97
CA THR B 160 -12.08 7.62 -33.12
C THR B 160 -11.92 8.33 -31.77
N PHE B 161 -12.58 7.86 -30.70
CA PHE B 161 -12.60 8.56 -29.38
C PHE B 161 -12.31 7.63 -28.20
N THR B 162 -13.19 6.67 -27.91
CA THR B 162 -13.20 5.91 -26.63
C THR B 162 -11.95 5.04 -26.55
N LEU B 163 -11.53 4.42 -27.66
CA LEU B 163 -10.35 3.54 -27.63
C LEU B 163 -9.06 4.36 -27.63
N PRO B 164 -8.83 5.36 -28.53
CA PRO B 164 -7.59 6.14 -28.47
C PRO B 164 -7.33 6.92 -27.17
N VAL B 165 -8.33 7.55 -26.54
CA VAL B 165 -8.10 8.48 -25.37
C VAL B 165 -7.19 7.83 -24.32
N PRO B 166 -7.54 6.64 -23.76
CA PRO B 166 -6.78 6.06 -22.65
C PRO B 166 -5.33 5.65 -22.96
N SER B 167 -5.03 5.21 -24.17
CA SER B 167 -3.65 4.93 -24.66
C SER B 167 -2.86 6.25 -24.76
N VAL B 168 -3.45 7.33 -25.28
CA VAL B 168 -2.73 8.62 -25.41
C VAL B 168 -2.53 9.22 -24.01
N VAL B 169 -3.54 9.16 -23.13
CA VAL B 169 -3.40 9.59 -21.71
C VAL B 169 -2.27 8.79 -21.05
N ILE B 170 -2.21 7.47 -21.29
CA ILE B 170 -1.12 6.61 -20.73
C ILE B 170 0.24 7.10 -21.27
N CYS B 171 0.35 7.42 -22.57
CA CYS B 171 1.55 8.05 -23.19
C CYS B 171 2.04 9.22 -22.34
N ARG B 172 1.14 10.17 -22.09
CA ARG B 172 1.43 11.44 -21.39
C ARG B 172 1.91 11.09 -19.97
N LEU B 173 1.18 10.22 -19.27
CA LEU B 173 1.52 9.80 -17.88
C LEU B 173 2.97 9.31 -17.85
N LEU B 174 3.33 8.44 -18.82
CA LEU B 174 4.67 7.80 -18.93
C LEU B 174 5.73 8.88 -19.18
N GLY B 175 5.43 9.83 -20.08
CA GLY B 175 6.39 10.82 -20.61
C GLY B 175 6.84 10.48 -22.03
N VAL B 176 5.96 9.86 -22.82
CA VAL B 176 6.20 9.62 -24.28
C VAL B 176 6.09 11.00 -24.94
N PRO B 177 7.17 11.49 -25.60
CA PRO B 177 7.14 12.83 -26.21
C PRO B 177 5.99 12.93 -27.22
N TYR B 178 5.35 14.11 -27.29
CA TYR B 178 4.08 14.35 -28.05
C TYR B 178 4.23 13.95 -29.53
N ALA B 179 5.47 13.92 -30.07
CA ALA B 179 5.79 13.59 -31.47
C ALA B 179 5.92 12.08 -31.68
N ASP B 180 5.67 11.28 -30.63
CA ASP B 180 5.62 9.79 -30.71
C ASP B 180 4.20 9.28 -30.39
N HIS B 181 3.25 10.17 -30.13
CA HIS B 181 1.87 9.84 -29.69
C HIS B 181 1.14 9.02 -30.77
N GLU B 182 1.41 9.29 -32.05
CA GLU B 182 0.71 8.65 -33.20
C GLU B 182 1.20 7.20 -33.32
N PHE B 183 2.52 7.01 -33.28
CA PHE B 183 3.19 5.69 -33.32
C PHE B 183 2.62 4.80 -32.20
N PHE B 184 2.44 5.40 -31.02
CA PHE B 184 2.09 4.71 -29.75
C PHE B 184 0.60 4.33 -29.75
N GLU B 185 -0.29 5.32 -29.97
CA GLU B 185 -1.75 5.10 -30.16
C GLU B 185 -1.97 3.97 -31.18
N HIS B 186 -1.16 3.93 -32.24
CA HIS B 186 -1.30 2.99 -33.40
C HIS B 186 -0.98 1.54 -33.00
N GLN B 187 0.18 1.29 -32.36
CA GLN B 187 0.57 -0.06 -31.88
C GLN B 187 -0.39 -0.52 -30.80
N SER B 188 -0.77 0.38 -29.88
CA SER B 188 -1.71 0.05 -28.78
C SER B 188 -3.07 -0.30 -29.39
N ARG B 189 -3.48 0.35 -30.49
CA ARG B 189 -4.73 -0.05 -31.20
C ARG B 189 -4.56 -1.48 -31.73
N ARG B 190 -3.44 -1.76 -32.42
CA ARG B 190 -3.16 -3.08 -33.05
C ARG B 190 -3.30 -4.19 -31.99
N ILE B 191 -2.82 -3.95 -30.76
CA ILE B 191 -3.02 -4.87 -29.61
C ILE B 191 -4.53 -5.03 -29.29
N ALA B 192 -5.23 -3.93 -29.07
CA ALA B 192 -6.59 -3.92 -28.46
C ALA B 192 -7.68 -4.21 -29.50
N ALA B 193 -7.43 -3.95 -30.80
CA ALA B 193 -8.43 -3.83 -31.89
C ALA B 193 -9.55 -4.85 -31.72
N GLY B 194 -9.32 -6.14 -32.04
CA GLY B 194 -10.36 -7.17 -31.99
C GLY B 194 -10.63 -7.84 -33.33
N THR B 195 -10.09 -7.31 -34.44
CA THR B 195 -9.91 -8.06 -35.71
C THR B 195 -8.47 -8.57 -35.77
N SER B 196 -7.62 -8.15 -34.84
CA SER B 196 -6.15 -8.38 -34.85
C SER B 196 -5.83 -9.83 -34.49
N THR B 197 -4.84 -10.41 -35.18
CA THR B 197 -4.30 -11.78 -34.95
C THR B 197 -3.48 -11.81 -33.66
N ALA B 198 -2.93 -12.98 -33.28
CA ALA B 198 -1.89 -13.11 -32.24
C ALA B 198 -0.58 -12.47 -32.74
N ALA B 199 -0.30 -12.58 -34.04
CA ALA B 199 0.95 -12.18 -34.74
C ALA B 199 1.05 -10.65 -34.83
N GLU B 200 0.00 -10.00 -35.33
CA GLU B 200 -0.12 -8.52 -35.39
C GLU B 200 -0.01 -7.94 -33.97
N SER B 201 -0.66 -8.58 -33.00
CA SER B 201 -0.70 -8.17 -31.57
C SER B 201 0.67 -8.38 -30.91
N ALA B 202 1.27 -9.56 -31.05
CA ALA B 202 2.62 -9.88 -30.52
C ALA B 202 3.65 -8.90 -31.12
N ASP B 203 3.51 -8.54 -32.39
CA ASP B 203 4.45 -7.64 -33.10
C ASP B 203 4.32 -6.22 -32.54
N ALA B 204 3.09 -5.78 -32.25
CA ALA B 204 2.78 -4.45 -31.69
C ALA B 204 3.39 -4.34 -30.29
N PHE B 205 3.11 -5.33 -29.42
CA PHE B 205 3.79 -5.53 -28.10
C PHE B 205 5.29 -5.28 -28.29
N GLY B 206 5.84 -5.95 -29.31
CA GLY B 206 7.25 -5.94 -29.72
C GLY B 206 7.76 -4.54 -29.98
N GLN B 207 7.11 -3.78 -30.85
CA GLN B 207 7.58 -2.41 -31.26
C GLN B 207 7.45 -1.44 -30.07
N LEU B 208 6.42 -1.60 -29.23
CA LEU B 208 6.26 -0.79 -28.00
C LEU B 208 7.42 -1.12 -27.04
N LYS B 209 7.69 -2.42 -26.81
CA LYS B 209 8.74 -2.88 -25.88
C LYS B 209 10.09 -2.36 -26.36
N ARG B 210 10.39 -2.56 -27.66
CA ARG B 210 11.56 -2.00 -28.38
C ARG B 210 11.64 -0.50 -28.10
N TYR B 211 10.59 0.26 -28.46
CA TYR B 211 10.56 1.75 -28.42
C TYR B 211 10.78 2.27 -26.99
N LEU B 212 10.18 1.62 -25.98
CA LEU B 212 10.22 2.06 -24.57
C LEU B 212 11.65 1.83 -24.02
N LEU B 213 12.32 0.75 -24.46
CA LEU B 213 13.72 0.43 -24.06
C LEU B 213 14.64 1.61 -24.44
N GLY B 214 14.33 2.29 -25.54
CA GLY B 214 15.09 3.42 -26.08
C GLY B 214 14.76 4.71 -25.33
N LEU B 215 13.48 4.94 -25.06
CA LEU B 215 12.97 6.20 -24.44
C LEU B 215 13.48 6.33 -22.99
N ILE B 216 13.49 5.21 -22.24
CA ILE B 216 13.72 5.17 -20.75
C ILE B 216 15.15 5.66 -20.42
N GLU B 217 16.07 5.57 -21.40
CA GLU B 217 17.47 6.09 -21.27
C GLU B 217 17.45 7.60 -21.07
N THR B 218 16.43 8.31 -21.54
CA THR B 218 16.32 9.80 -21.48
C THR B 218 15.68 10.26 -20.15
N LYS B 219 15.25 9.32 -19.29
CA LYS B 219 14.48 9.60 -18.05
C LYS B 219 15.36 9.40 -16.81
N GLY B 220 14.90 9.92 -15.67
CA GLY B 220 15.68 10.01 -14.42
C GLY B 220 16.58 11.23 -14.41
N ARG B 221 16.37 12.17 -15.33
CA ARG B 221 17.16 13.42 -15.49
C ARG B 221 16.45 14.55 -14.72
N GLY B 222 15.59 14.21 -13.76
CA GLY B 222 14.76 15.18 -13.01
C GLY B 222 13.44 15.46 -13.69
N GLY B 223 12.99 14.58 -14.60
CA GLY B 223 11.59 14.52 -15.07
C GLY B 223 10.68 14.05 -13.94
N GLU B 224 9.39 14.41 -13.97
CA GLU B 224 8.37 14.02 -12.95
C GLU B 224 7.31 13.08 -13.56
N ASP B 225 7.59 12.44 -14.70
CA ASP B 225 6.65 11.48 -15.35
C ASP B 225 6.87 10.07 -14.80
N MET B 226 5.99 9.12 -15.15
CA MET B 226 6.01 7.75 -14.55
C MET B 226 7.31 7.04 -14.91
N LEU B 227 7.86 7.20 -16.12
CA LEU B 227 9.16 6.54 -16.47
C LEU B 227 10.29 7.14 -15.62
N ASP B 228 10.19 8.42 -15.23
CA ASP B 228 11.19 9.11 -14.38
C ASP B 228 11.18 8.48 -12.99
N VAL B 229 10.01 8.51 -12.33
CA VAL B 229 9.72 7.80 -11.06
C VAL B 229 10.37 6.42 -11.10
N LEU B 230 10.09 5.65 -12.16
CA LEU B 230 10.55 4.23 -12.27
C LEU B 230 12.08 4.20 -12.30
N VAL B 231 12.74 5.07 -13.07
CA VAL B 231 14.23 5.14 -13.12
C VAL B 231 14.76 5.55 -11.73
N ASP B 232 14.26 6.67 -11.19
CA ASP B 232 14.63 7.21 -9.84
C ASP B 232 14.54 6.10 -8.78
N GLU B 233 13.48 5.29 -8.80
CA GLU B 233 13.32 4.16 -7.85
C GLU B 233 14.44 3.12 -8.08
N GLN B 234 14.67 2.72 -9.34
CA GLN B 234 15.75 1.75 -9.72
C GLN B 234 17.10 2.31 -9.28
N VAL B 235 17.32 3.62 -9.44
CA VAL B 235 18.59 4.30 -9.07
C VAL B 235 18.75 4.26 -7.53
N ALA B 236 17.66 4.37 -6.78
CA ALA B 236 17.67 4.42 -5.30
C ALA B 236 17.85 3.01 -4.71
N THR B 237 17.19 1.99 -5.25
CA THR B 237 17.17 0.59 -4.74
C THR B 237 18.28 -0.25 -5.38
N GLY B 238 18.64 0.05 -6.64
CA GLY B 238 19.58 -0.74 -7.47
C GLY B 238 19.19 -2.21 -7.57
N THR B 239 17.89 -2.54 -7.48
CA THR B 239 17.37 -3.93 -7.42
C THR B 239 16.35 -4.18 -8.53
N VAL B 240 16.33 -3.35 -9.58
CA VAL B 240 15.41 -3.51 -10.75
C VAL B 240 16.19 -3.20 -12.03
N THR B 241 16.15 -4.10 -13.03
CA THR B 241 16.82 -3.90 -14.34
C THR B 241 15.94 -2.97 -15.20
N THR B 242 16.48 -2.46 -16.31
CA THR B 242 15.75 -1.57 -17.26
C THR B 242 14.69 -2.38 -18.01
N PRO B 243 14.97 -3.62 -18.47
CA PRO B 243 13.93 -4.48 -19.05
C PRO B 243 12.69 -4.63 -18.13
N ASP B 244 12.94 -4.75 -16.82
CA ASP B 244 11.89 -4.89 -15.76
C ASP B 244 10.99 -3.65 -15.76
N LEU B 245 11.56 -2.45 -15.89
CA LEU B 245 10.82 -1.16 -15.77
C LEU B 245 9.94 -0.97 -17.01
N VAL B 246 10.40 -1.41 -18.18
CA VAL B 246 9.64 -1.37 -19.46
C VAL B 246 8.45 -2.34 -19.38
N ASP B 247 8.60 -3.46 -18.65
CA ASP B 247 7.51 -4.44 -18.42
C ASP B 247 6.40 -3.81 -17.56
N LEU B 248 6.77 -3.10 -16.48
CA LEU B 248 5.82 -2.33 -15.63
C LEU B 248 5.09 -1.30 -16.49
N ALA B 249 5.81 -0.62 -17.40
CA ALA B 249 5.25 0.46 -18.26
C ALA B 249 4.25 -0.16 -19.24
N LEU B 250 4.58 -1.35 -19.77
CA LEU B 250 3.69 -2.11 -20.68
C LEU B 250 2.52 -2.69 -19.86
N LEU B 251 2.75 -3.08 -18.59
CA LEU B 251 1.66 -3.53 -17.66
C LEU B 251 0.67 -2.37 -17.47
N LEU B 252 1.15 -1.14 -17.30
CA LEU B 252 0.27 0.04 -17.16
C LEU B 252 -0.61 0.17 -18.41
N LEU B 253 -0.04 0.04 -19.63
CA LEU B 253 -0.80 0.20 -20.91
C LEU B 253 -1.92 -0.84 -20.98
N VAL B 254 -1.55 -2.11 -20.83
CA VAL B 254 -2.49 -3.27 -20.95
C VAL B 254 -3.57 -3.14 -19.85
N ALA B 255 -3.18 -2.85 -18.61
CA ALA B 255 -4.10 -2.69 -17.46
C ALA B 255 -5.08 -1.53 -17.71
N GLY B 256 -4.64 -0.44 -18.32
CA GLY B 256 -5.39 0.83 -18.33
C GLY B 256 -6.09 1.15 -19.65
N HIS B 257 -5.77 0.47 -20.74
CA HIS B 257 -6.23 0.87 -22.09
C HIS B 257 -7.67 0.39 -22.32
N GLU B 258 -7.90 -0.92 -22.48
CA GLU B 258 -9.23 -1.49 -22.85
C GLU B 258 -10.27 -1.32 -21.72
N THR B 259 -9.86 -1.42 -20.44
CA THR B 259 -10.74 -1.25 -19.26
C THR B 259 -11.37 0.15 -19.31
N THR B 260 -10.54 1.19 -19.38
CA THR B 260 -10.96 2.62 -19.40
C THR B 260 -11.75 2.86 -20.70
N ALA B 261 -11.29 2.33 -21.83
CA ALA B 261 -11.88 2.51 -23.18
C ALA B 261 -13.29 1.91 -23.22
N SER B 262 -13.46 0.64 -22.81
CA SER B 262 -14.81 0.01 -22.74
C SER B 262 -15.70 0.72 -21.71
N THR B 263 -15.19 1.07 -20.52
CA THR B 263 -16.00 1.75 -19.49
C THR B 263 -16.56 3.07 -20.07
N LEU B 264 -15.73 3.81 -20.82
CA LEU B 264 -16.14 5.09 -21.45
C LEU B 264 -17.21 4.84 -22.52
N ALA B 265 -17.00 3.83 -23.37
CA ALA B 265 -17.94 3.45 -24.45
C ALA B 265 -19.30 3.08 -23.85
N LEU B 266 -19.33 2.06 -22.98
CA LEU B 266 -20.55 1.60 -22.25
C LEU B 266 -21.12 2.78 -21.45
N GLY B 267 -20.25 3.59 -20.86
CA GLY B 267 -20.58 4.92 -20.30
C GLY B 267 -21.50 5.72 -21.21
N VAL B 268 -21.14 5.93 -22.48
CA VAL B 268 -21.88 6.82 -23.42
C VAL B 268 -23.22 6.16 -23.79
N ALA B 269 -23.24 4.88 -24.16
CA ALA B 269 -24.45 4.11 -24.49
C ALA B 269 -25.48 4.24 -23.35
N LEU B 270 -25.06 3.93 -22.12
CA LEU B 270 -25.89 3.95 -20.88
C LEU B 270 -26.49 5.35 -20.72
N LEU B 271 -25.70 6.41 -20.89
CA LEU B 271 -26.17 7.82 -20.77
C LEU B 271 -27.08 8.19 -21.95
N LEU B 272 -27.08 7.41 -23.04
CA LEU B 272 -27.95 7.66 -24.23
C LEU B 272 -29.21 6.79 -24.13
N GLU B 273 -29.21 5.75 -23.31
CA GLU B 273 -30.42 4.93 -23.05
C GLU B 273 -31.31 5.63 -22.01
N GLN B 274 -30.80 6.68 -21.34
CA GLN B 274 -31.36 7.25 -20.09
C GLN B 274 -31.49 8.78 -20.15
N ASP B 275 -31.31 9.41 -21.33
CA ASP B 275 -31.26 10.88 -21.54
C ASP B 275 -30.40 11.58 -20.48
N GLY B 276 -29.32 10.93 -20.01
CA GLY B 276 -28.49 11.39 -18.88
C GLY B 276 -27.40 12.34 -19.33
N GLY B 277 -27.24 12.51 -20.65
CA GLY B 277 -26.17 13.32 -21.26
C GLY B 277 -26.04 14.68 -20.62
N ALA B 278 -27.17 15.34 -20.37
CA ALA B 278 -27.26 16.68 -19.73
C ALA B 278 -26.48 16.66 -18.40
N VAL B 279 -26.65 15.61 -17.60
CA VAL B 279 -26.10 15.46 -16.21
C VAL B 279 -24.58 15.29 -16.29
N ALA B 280 -24.11 14.37 -17.15
CA ALA B 280 -22.68 14.05 -17.35
C ALA B 280 -21.91 15.31 -17.80
N ALA B 281 -22.53 16.13 -18.65
CA ALA B 281 -22.02 17.44 -19.11
C ALA B 281 -21.75 18.38 -17.93
N ASP B 282 -22.59 18.32 -16.89
CA ASP B 282 -22.48 19.17 -15.66
C ASP B 282 -21.21 18.79 -14.91
N PRO B 283 -20.14 19.62 -14.93
CA PRO B 283 -18.85 19.26 -14.33
C PRO B 283 -18.88 18.99 -12.82
N THR B 284 -19.98 19.30 -12.14
CA THR B 284 -20.14 19.12 -10.68
C THR B 284 -21.11 17.96 -10.37
N ARG B 285 -21.62 17.27 -11.40
CA ARG B 285 -22.49 16.07 -11.22
C ARG B 285 -21.86 14.82 -11.88
N VAL B 286 -20.76 14.98 -12.62
CA VAL B 286 -20.16 13.90 -13.46
C VAL B 286 -19.34 12.93 -12.58
N GLY B 287 -18.69 13.45 -11.53
CA GLY B 287 -18.08 12.63 -10.45
C GLY B 287 -18.97 11.47 -10.04
N ALA B 288 -20.22 11.76 -9.63
CA ALA B 288 -21.20 10.75 -9.14
C ALA B 288 -21.74 9.90 -10.30
N VAL B 289 -21.87 10.46 -11.51
CA VAL B 289 -22.30 9.71 -12.73
C VAL B 289 -21.23 8.66 -13.06
N VAL B 290 -19.95 9.04 -13.05
CA VAL B 290 -18.80 8.13 -13.31
C VAL B 290 -18.88 6.95 -12.32
N GLU B 291 -19.03 7.25 -11.04
CA GLU B 291 -19.11 6.23 -9.96
C GLU B 291 -20.23 5.25 -10.32
N GLU B 292 -21.40 5.75 -10.71
CA GLU B 292 -22.57 4.90 -11.04
C GLU B 292 -22.34 4.15 -12.37
N ILE B 293 -21.68 4.75 -13.36
CA ILE B 293 -21.26 4.01 -14.60
C ILE B 293 -20.27 2.89 -14.21
N LEU B 294 -19.25 3.20 -13.41
CA LEU B 294 -18.27 2.17 -12.99
C LEU B 294 -19.03 0.99 -12.37
N ARG B 295 -19.92 1.27 -11.40
CA ARG B 295 -20.71 0.23 -10.69
C ARG B 295 -21.51 -0.58 -11.71
N HIS B 296 -22.15 0.13 -12.65
CA HIS B 296 -23.03 -0.47 -13.69
C HIS B 296 -22.25 -1.36 -14.66
N THR B 297 -21.09 -0.92 -15.18
CA THR B 297 -20.41 -1.56 -16.35
C THR B 297 -19.42 -2.66 -15.96
N ALA B 298 -18.72 -2.51 -14.82
CA ALA B 298 -17.71 -3.49 -14.33
C ALA B 298 -17.14 -4.31 -15.49
N VAL B 299 -16.30 -3.69 -16.33
CA VAL B 299 -15.84 -4.25 -17.63
C VAL B 299 -14.79 -5.36 -17.39
N ALA B 300 -14.06 -5.30 -16.27
CA ALA B 300 -13.33 -6.45 -15.69
C ALA B 300 -14.37 -7.28 -14.94
N ASP B 301 -15.13 -8.10 -15.67
CA ASP B 301 -16.35 -8.82 -15.20
C ASP B 301 -16.03 -9.63 -13.95
N GLY B 302 -14.96 -10.42 -14.04
CA GLY B 302 -14.45 -11.22 -12.92
C GLY B 302 -12.94 -11.17 -12.86
N VAL B 303 -12.37 -11.44 -11.69
CA VAL B 303 -10.91 -11.69 -11.55
C VAL B 303 -10.72 -13.11 -10.98
N ALA B 304 -9.65 -13.77 -11.41
CA ALA B 304 -9.32 -15.18 -11.10
C ALA B 304 -8.44 -15.26 -9.83
N ARG B 305 -8.67 -16.30 -9.02
CA ARG B 305 -7.79 -16.73 -7.91
C ARG B 305 -7.76 -18.27 -7.93
N PHE B 306 -6.80 -18.90 -7.26
CA PHE B 306 -6.89 -20.34 -6.88
C PHE B 306 -6.69 -20.45 -5.36
N ALA B 307 -7.40 -21.38 -4.71
CA ALA B 307 -7.19 -21.74 -3.29
C ALA B 307 -5.81 -22.37 -3.11
N THR B 308 -5.01 -21.85 -2.18
CA THR B 308 -3.73 -22.43 -1.76
C THR B 308 -3.97 -23.49 -0.67
N ARG B 309 -5.18 -23.56 -0.12
CA ARG B 309 -5.49 -24.46 1.03
C ARG B 309 -6.99 -24.74 1.02
N ASP B 310 -7.43 -25.73 1.80
CA ASP B 310 -8.87 -26.04 1.95
C ASP B 310 -9.49 -24.90 2.78
N THR B 311 -10.65 -24.38 2.38
CA THR B 311 -11.43 -23.37 3.12
C THR B 311 -12.93 -23.55 2.89
N GLU B 312 -13.71 -22.87 3.73
CA GLU B 312 -15.15 -22.56 3.55
C GLU B 312 -15.30 -21.14 3.00
N VAL B 313 -16.31 -20.91 2.18
CA VAL B 313 -16.81 -19.55 1.83
C VAL B 313 -18.33 -19.62 1.75
N ALA B 314 -19.03 -18.78 2.52
CA ALA B 314 -20.51 -18.69 2.59
C ALA B 314 -21.09 -20.11 2.66
N GLY B 315 -20.55 -20.93 3.56
CA GLY B 315 -21.00 -22.31 3.82
C GLY B 315 -20.39 -23.30 2.85
N VAL B 316 -20.07 -22.86 1.63
CA VAL B 316 -19.54 -23.77 0.56
C VAL B 316 -18.10 -24.16 0.89
N ARG B 317 -17.78 -25.44 0.76
CA ARG B 317 -16.46 -26.04 1.02
C ARG B 317 -15.60 -25.90 -0.24
N ILE B 318 -14.41 -25.30 -0.13
CA ILE B 318 -13.46 -25.07 -1.26
C ILE B 318 -12.14 -25.79 -0.98
N ALA B 319 -11.65 -26.57 -1.94
CA ALA B 319 -10.48 -27.45 -1.79
C ALA B 319 -9.23 -26.79 -2.38
N ALA B 320 -8.08 -27.02 -1.76
CA ALA B 320 -6.77 -26.55 -2.23
C ALA B 320 -6.64 -26.86 -3.73
N GLY B 321 -6.53 -25.83 -4.57
CA GLY B 321 -6.38 -25.99 -6.04
C GLY B 321 -7.57 -25.46 -6.80
N ASP B 322 -8.77 -25.51 -6.23
CA ASP B 322 -10.03 -25.05 -6.91
C ASP B 322 -9.86 -23.62 -7.43
N ALA B 323 -10.28 -23.41 -8.68
CA ALA B 323 -10.38 -22.08 -9.30
C ALA B 323 -11.45 -21.31 -8.54
N VAL B 324 -11.12 -20.06 -8.18
CA VAL B 324 -12.07 -19.09 -7.57
C VAL B 324 -12.02 -17.79 -8.40
N VAL B 325 -13.13 -17.46 -9.04
CA VAL B 325 -13.34 -16.25 -9.88
C VAL B 325 -14.29 -15.33 -9.12
N VAL B 326 -13.91 -14.07 -8.93
CA VAL B 326 -14.75 -13.08 -8.18
C VAL B 326 -15.49 -12.24 -9.23
N ALA B 327 -16.81 -12.40 -9.34
CA ALA B 327 -17.70 -11.69 -10.30
C ALA B 327 -17.97 -10.29 -9.78
N LEU B 328 -17.10 -9.36 -10.11
CA LEU B 328 -17.18 -7.95 -9.64
C LEU B 328 -18.51 -7.35 -10.11
N SER B 329 -18.92 -7.61 -11.36
CA SER B 329 -20.21 -7.09 -11.93
C SER B 329 -21.38 -7.53 -11.04
N ALA B 330 -21.42 -8.82 -10.67
CA ALA B 330 -22.48 -9.44 -9.83
C ALA B 330 -22.50 -8.80 -8.44
N ALA B 331 -21.35 -8.75 -7.76
CA ALA B 331 -21.17 -8.16 -6.40
C ALA B 331 -21.65 -6.71 -6.40
N ASN B 332 -21.41 -6.02 -7.51
CA ASN B 332 -21.83 -4.62 -7.77
C ASN B 332 -23.37 -4.51 -7.87
N ARG B 333 -24.07 -5.62 -8.09
CA ARG B 333 -25.56 -5.67 -8.17
C ARG B 333 -26.14 -6.44 -6.97
N ASP B 334 -25.44 -6.44 -5.83
CA ASP B 334 -25.92 -7.08 -4.56
C ASP B 334 -26.99 -6.19 -3.96
N PRO B 335 -28.25 -6.68 -3.87
CA PRO B 335 -29.38 -5.86 -3.39
C PRO B 335 -29.18 -5.30 -1.97
N GLY B 336 -28.42 -6.00 -1.13
CA GLY B 336 -28.09 -5.57 0.24
C GLY B 336 -27.41 -4.21 0.26
N PRO B 337 -26.12 -4.12 -0.15
CA PRO B 337 -25.42 -2.83 -0.22
C PRO B 337 -25.98 -1.89 -1.29
N PHE B 338 -26.60 -2.45 -2.35
CA PHE B 338 -27.19 -1.68 -3.47
C PHE B 338 -28.69 -1.96 -3.60
N PRO B 339 -29.54 -1.28 -2.79
CA PRO B 339 -30.99 -1.41 -2.90
C PRO B 339 -31.47 -1.12 -4.34
N ASP B 340 -32.21 -2.06 -4.93
CA ASP B 340 -32.64 -2.04 -6.36
C ASP B 340 -31.39 -1.84 -7.21
N PRO B 341 -30.54 -2.88 -7.31
CA PRO B 341 -29.20 -2.73 -7.90
C PRO B 341 -29.19 -2.35 -9.38
N ASP B 342 -30.16 -2.84 -10.16
CA ASP B 342 -30.19 -2.78 -11.64
C ASP B 342 -30.64 -1.41 -12.14
N ARG B 343 -31.02 -0.48 -11.24
CA ARG B 343 -31.46 0.88 -11.63
C ARG B 343 -30.25 1.82 -11.58
N PHE B 344 -29.99 2.53 -12.68
CA PHE B 344 -28.95 3.57 -12.80
C PHE B 344 -29.40 4.79 -11.99
N ASP B 345 -28.73 5.07 -10.88
CA ASP B 345 -29.06 6.23 -10.00
C ASP B 345 -27.75 6.78 -9.42
N PRO B 346 -27.16 7.81 -10.06
CA PRO B 346 -26.01 8.53 -9.49
C PRO B 346 -26.20 9.08 -8.07
N ARG B 347 -27.46 9.23 -7.63
CA ARG B 347 -27.85 9.72 -6.27
C ARG B 347 -27.14 8.90 -5.18
N ARG B 348 -26.99 7.58 -5.38
CA ARG B 348 -26.56 6.57 -4.37
C ARG B 348 -25.60 7.18 -3.33
N ARG B 351 -20.29 4.59 -2.61
CA ARG B 351 -18.80 4.65 -2.79
C ARG B 351 -18.17 3.34 -2.30
N GLN B 352 -18.74 2.20 -2.70
CA GLN B 352 -18.43 0.86 -2.14
C GLN B 352 -18.48 -0.24 -3.22
N HIS B 353 -18.69 0.07 -4.50
CA HIS B 353 -18.59 -0.92 -5.61
C HIS B 353 -17.17 -1.55 -5.61
N VAL B 354 -17.00 -2.67 -6.31
CA VAL B 354 -15.69 -3.39 -6.42
C VAL B 354 -15.27 -3.53 -7.90
N THR B 355 -15.64 -2.59 -8.77
CA THR B 355 -15.24 -2.63 -10.21
C THR B 355 -13.72 -2.47 -10.29
N PHE B 356 -13.08 -1.81 -9.32
CA PHE B 356 -11.60 -1.64 -9.22
C PHE B 356 -10.96 -2.72 -8.32
N GLY B 357 -11.68 -3.80 -8.01
CA GLY B 357 -11.22 -4.85 -7.08
C GLY B 357 -11.23 -4.34 -5.65
N HIS B 358 -10.39 -4.91 -4.77
CA HIS B 358 -10.43 -4.64 -3.31
C HIS B 358 -9.23 -5.30 -2.66
N GLY B 359 -8.63 -4.64 -1.67
CA GLY B 359 -7.44 -5.14 -0.96
C GLY B 359 -6.18 -4.83 -1.75
N PRO B 360 -5.15 -5.71 -1.65
CA PRO B 360 -3.80 -5.35 -2.07
C PRO B 360 -3.49 -5.50 -3.56
N HIS B 361 -4.43 -5.97 -4.39
CA HIS B 361 -4.32 -5.85 -5.86
C HIS B 361 -5.31 -4.80 -6.40
N GLN B 362 -5.97 -4.02 -5.54
CA GLN B 362 -6.97 -3.00 -5.96
C GLN B 362 -6.32 -2.03 -6.96
N CYS B 363 -7.02 -1.75 -8.07
CA CYS B 363 -6.52 -0.96 -9.23
C CYS B 363 -5.70 0.26 -8.78
N ILE B 364 -4.40 0.30 -9.12
CA ILE B 364 -3.48 1.45 -8.82
C ILE B 364 -3.90 2.65 -9.68
N GLY B 365 -4.55 2.40 -10.82
CA GLY B 365 -4.86 3.43 -11.83
C GLY B 365 -6.23 4.08 -11.66
N ALA B 366 -6.95 3.76 -10.58
CA ALA B 366 -8.39 4.09 -10.40
C ALA B 366 -8.61 5.60 -10.52
N ASN B 367 -7.80 6.40 -9.85
CA ASN B 367 -7.96 7.88 -9.88
C ASN B 367 -7.69 8.40 -11.31
N LEU B 368 -6.67 7.90 -12.01
CA LEU B 368 -6.40 8.28 -13.43
C LEU B 368 -7.63 7.96 -14.29
N ALA B 369 -8.17 6.74 -14.15
CA ALA B 369 -9.33 6.24 -14.91
C ALA B 369 -10.55 7.13 -14.66
N ARG B 370 -10.77 7.57 -13.41
CA ARG B 370 -11.94 8.40 -13.02
C ARG B 370 -11.84 9.78 -13.70
N ALA B 371 -10.68 10.42 -13.59
CA ALA B 371 -10.36 11.72 -14.23
C ALA B 371 -10.61 11.64 -15.75
N GLU B 372 -10.05 10.61 -16.40
CA GLU B 372 -10.21 10.37 -17.86
C GLU B 372 -11.70 10.28 -18.19
N LEU B 373 -12.43 9.47 -17.43
CA LEU B 373 -13.88 9.23 -17.64
C LEU B 373 -14.65 10.53 -17.41
N GLU B 374 -14.31 11.31 -16.38
CA GLU B 374 -15.05 12.55 -16.02
C GLU B 374 -14.87 13.56 -17.15
N ILE B 375 -13.62 13.78 -17.56
CA ILE B 375 -13.27 14.78 -18.60
C ILE B 375 -13.89 14.36 -19.93
N ALA B 376 -13.70 13.10 -20.35
CA ALA B 376 -14.13 12.55 -21.64
C ALA B 376 -15.65 12.75 -21.81
N LEU B 377 -16.44 12.28 -20.82
CA LEU B 377 -17.93 12.31 -20.84
C LEU B 377 -18.41 13.77 -20.80
N SER B 378 -17.77 14.60 -19.97
CA SER B 378 -18.13 16.03 -19.77
C SER B 378 -17.89 16.82 -21.06
N ARG B 379 -16.69 16.69 -21.65
CA ARG B 379 -16.29 17.39 -22.90
C ARG B 379 -17.11 16.89 -24.10
N LEU B 380 -17.44 15.60 -24.15
CA LEU B 380 -18.24 14.99 -25.23
C LEU B 380 -19.65 15.59 -25.21
N PHE B 381 -20.33 15.54 -24.05
CA PHE B 381 -21.78 15.85 -23.93
C PHE B 381 -22.01 17.37 -23.88
N THR B 382 -21.02 18.16 -23.45
CA THR B 382 -21.04 19.64 -23.55
C THR B 382 -20.94 20.03 -25.03
N ARG B 383 -19.92 19.52 -25.74
CA ARG B 383 -19.67 19.77 -27.19
C ARG B 383 -20.84 19.27 -28.06
N LEU B 384 -21.30 18.04 -27.82
CA LEU B 384 -22.40 17.39 -28.59
C LEU B 384 -23.57 17.06 -27.67
N PRO B 385 -24.39 18.05 -27.23
CA PRO B 385 -25.61 17.79 -26.44
C PRO B 385 -26.68 16.96 -27.16
N THR B 386 -26.79 17.11 -28.47
CA THR B 386 -27.80 16.41 -29.32
C THR B 386 -27.33 15.00 -29.70
N LEU B 387 -26.20 14.53 -29.16
CA LEU B 387 -25.64 13.18 -29.44
C LEU B 387 -26.74 12.11 -29.35
N ALA B 388 -26.78 11.17 -30.30
CA ALA B 388 -27.75 10.04 -30.36
C ALA B 388 -27.06 8.77 -30.90
N LEU B 389 -27.53 7.59 -30.51
CA LEU B 389 -27.12 6.31 -31.18
C LEU B 389 -27.60 6.36 -32.64
N ALA B 390 -26.89 5.70 -33.56
CA ALA B 390 -27.22 5.62 -35.00
C ALA B 390 -27.84 4.26 -35.32
N VAL B 391 -27.47 3.21 -34.57
CA VAL B 391 -28.18 1.89 -34.56
C VAL B 391 -28.72 1.68 -33.15
N PRO B 392 -29.87 0.97 -32.99
CA PRO B 392 -30.45 0.75 -31.66
C PRO B 392 -29.54 -0.07 -30.74
N VAL B 393 -29.45 0.32 -29.46
CA VAL B 393 -28.73 -0.38 -28.36
C VAL B 393 -28.89 -1.90 -28.53
N GLU B 394 -30.13 -2.32 -28.80
CA GLU B 394 -30.61 -3.74 -28.95
C GLU B 394 -29.58 -4.62 -29.68
N GLU B 395 -28.99 -4.18 -30.79
CA GLU B 395 -28.03 -4.99 -31.60
C GLU B 395 -26.76 -4.17 -31.87
N LEU B 396 -25.98 -3.89 -30.82
CA LEU B 396 -24.67 -3.17 -30.92
C LEU B 396 -23.51 -4.18 -30.86
N GLY B 397 -22.48 -3.94 -31.68
CA GLY B 397 -21.25 -4.74 -31.81
C GLY B 397 -21.20 -5.92 -30.84
N GLY B 398 -20.70 -5.70 -29.63
CA GLY B 398 -20.39 -6.77 -28.65
C GLY B 398 -18.98 -7.29 -28.83
N LYS B 399 -18.29 -7.63 -27.73
CA LYS B 399 -16.82 -7.89 -27.69
C LYS B 399 -16.56 -9.38 -27.45
N GLU B 400 -15.27 -9.75 -27.28
CA GLU B 400 -14.81 -11.14 -27.00
C GLU B 400 -14.94 -11.41 -25.49
N ALA B 401 -15.83 -12.36 -25.11
CA ALA B 401 -16.14 -12.78 -23.72
C ALA B 401 -14.96 -13.55 -23.13
N GLY B 402 -14.77 -13.45 -21.81
CA GLY B 402 -13.64 -14.05 -21.08
C GLY B 402 -12.51 -13.05 -20.84
N GLY B 403 -12.62 -11.84 -21.40
CA GLY B 403 -11.67 -10.72 -21.19
C GLY B 403 -12.39 -9.48 -20.65
N VAL B 404 -12.10 -8.32 -21.23
CA VAL B 404 -12.71 -7.01 -20.86
C VAL B 404 -14.02 -6.85 -21.64
N GLN B 405 -15.14 -6.67 -20.95
CA GLN B 405 -16.48 -6.49 -21.58
C GLN B 405 -16.53 -5.08 -22.16
N GLY B 406 -17.26 -4.89 -23.26
CA GLY B 406 -17.50 -3.58 -23.90
C GLY B 406 -18.33 -3.75 -25.17
N VAL B 407 -18.41 -2.71 -26.00
CA VAL B 407 -18.96 -2.77 -27.39
C VAL B 407 -17.79 -2.75 -28.37
N GLN B 408 -17.98 -3.29 -29.57
CA GLN B 408 -16.96 -3.26 -30.65
C GLN B 408 -17.10 -1.96 -31.47
N ARG B 409 -18.32 -1.42 -31.53
CA ARG B 409 -18.70 -0.19 -32.28
C ARG B 409 -19.71 0.60 -31.45
N LEU B 410 -19.77 1.93 -31.67
CA LEU B 410 -20.78 2.85 -31.10
C LEU B 410 -21.05 3.95 -32.12
N PRO B 411 -21.80 3.68 -33.19
CA PRO B 411 -22.23 4.72 -34.14
C PRO B 411 -23.10 5.83 -33.54
N VAL B 412 -22.76 7.10 -33.77
CA VAL B 412 -23.47 8.27 -33.17
C VAL B 412 -23.80 9.30 -34.25
N THR B 413 -24.79 10.15 -33.94
CA THR B 413 -25.28 11.31 -34.74
C THR B 413 -25.40 12.50 -33.78
N TRP B 414 -25.65 13.73 -34.28
CA TRP B 414 -25.95 14.90 -33.42
C TRP B 414 -26.58 16.04 -34.22
#